data_9HR5
#
_entry.id   9HR5
#
_cell.length_a   1.00
_cell.length_b   1.00
_cell.length_c   1.00
_cell.angle_alpha   90.00
_cell.angle_beta   90.00
_cell.angle_gamma   90.00
#
_symmetry.space_group_name_H-M   'P 1'
#
loop_
_entity.id
_entity.type
_entity.pdbx_description
1 polymer 'ABC-three component systems C-terminal domain-containing protein'
2 polymer "DNA (5'-D(P*CP*TP*GP*AP*TP*TP*CP*AP*GP*CP*AP*GP*TP*TP*GP*AP*AP*TP*CP*AP*GP*AP*AP*T)-3')"
3 polymer 'DNA (25-MER)'
#
loop_
_entity_poly.entity_id
_entity_poly.type
_entity_poly.pdbx_seq_one_letter_code
_entity_poly.pdbx_strand_id
1 'polypeptide(L)'
;MAISKTNGQSKPKRKTEVPGQALGYSLQFTLLTHLLLQAPEGSLCSLEVLDDVAQENNSGDIKFIQSASALTANPAADRA
KSLWKTLSNWIDLATSPDFEVEKAIFELYVSRPVEGSIVKKFNEAKTPEDAQEAITHARTELWGDSPHFTLKDGISKEIS
KYVEKVFTADQNLLQRLICNFQLTLGSGSPQADLEACVRSHPVSPSKVSDITNYLCGKVKRHIDMLLEAEKPAVIARDDF
YTWYKAYVQKIDRQMVLSSRAQAPVKEKAQEYLPDKFVQQLEIIGLPYEEILGAISDYLMASFDRTDWAARGEVDETSFD
DLDTALQRTWKNKQRICGLTHSEKSEQDQGKLLYFECMQFNIPLQAMSPPSHFIPGCYHILADSLAVGWHPNYTTQLKNK
KVA
;
A,B,C,D
2 'polydeoxyribonucleotide'
;(DC)(DT)(DG)(DA)(DT)(DT)(DC)(DA)(DG)(DC)(DA)(DG)(DT)(DT)(DG)(DA)(DA)(DT)(DC)(DA)
(DG)(DA)(DA)(DT)
;
G
3 'polydeoxyribonucleotide'
;(DT)(DC)(DT)(DG)(DA)(DT)(DT)(DC)(DA)(DA)(DC)(DT)(DG)(DC)(DT)(DG)(DA)(DA)(DT)(DC)
(DA)(DG)(DC)(DT)(DG)
;
H
#
# COMPACT_ATOMS: atom_id res chain seq x y z
N LYS A 13 -30.77 10.85 -28.37
CA LYS A 13 -30.06 9.61 -28.69
C LYS A 13 -30.85 8.77 -29.68
N ARG A 14 -30.15 7.91 -30.42
CA ARG A 14 -30.78 6.99 -31.35
C ARG A 14 -31.07 5.66 -30.64
N LYS A 15 -31.96 4.88 -31.25
CA LYS A 15 -32.36 3.60 -30.66
C LYS A 15 -31.41 2.47 -31.02
N THR A 16 -30.38 2.73 -31.82
CA THR A 16 -29.44 1.70 -32.21
C THR A 16 -28.43 1.39 -31.11
N GLU A 17 -28.41 2.17 -30.03
CA GLU A 17 -27.52 1.93 -28.91
C GLU A 17 -28.32 1.60 -27.66
N VAL A 18 -27.75 0.74 -26.81
CA VAL A 18 -28.45 0.26 -25.62
C VAL A 18 -27.55 0.37 -24.39
N PRO A 19 -27.30 1.59 -23.88
CA PRO A 19 -26.49 1.69 -22.66
C PRO A 19 -27.16 1.10 -21.44
N GLY A 20 -28.42 1.43 -21.19
CA GLY A 20 -29.12 0.93 -20.02
C GLY A 20 -29.26 -0.58 -20.06
N GLN A 21 -29.37 -1.13 -21.27
CA GLN A 21 -29.40 -2.58 -21.42
C GLN A 21 -28.01 -3.18 -21.23
N ALA A 22 -26.97 -2.42 -21.58
CA ALA A 22 -25.61 -2.88 -21.36
C ALA A 22 -25.29 -2.94 -19.86
N LEU A 23 -25.92 -2.08 -19.07
CA LEU A 23 -25.77 -2.17 -17.63
C LEU A 23 -26.32 -3.47 -17.09
N GLY A 24 -27.32 -4.04 -17.74
CA GLY A 24 -27.82 -5.33 -17.28
C GLY A 24 -26.77 -6.42 -17.36
N TYR A 25 -25.81 -6.26 -18.27
CA TYR A 25 -24.73 -7.24 -18.41
C TYR A 25 -23.48 -6.85 -17.63
N SER A 26 -23.24 -5.54 -17.50
CA SER A 26 -22.12 -5.09 -16.67
C SER A 26 -22.38 -5.31 -15.19
N LEU A 27 -23.64 -5.20 -14.77
CA LEU A 27 -24.02 -5.55 -13.41
C LEU A 27 -23.76 -7.01 -13.11
N GLN A 28 -23.73 -7.86 -14.13
CA GLN A 28 -23.31 -9.25 -13.92
C GLN A 28 -21.90 -9.30 -13.34
N PHE A 29 -20.95 -8.60 -13.97
CA PHE A 29 -19.58 -8.56 -13.47
C PHE A 29 -19.51 -7.87 -12.13
N THR A 30 -20.21 -6.74 -11.98
CA THR A 30 -20.17 -6.01 -10.72
C THR A 30 -20.67 -6.88 -9.55
N LEU A 31 -21.79 -7.56 -9.76
CA LEU A 31 -22.35 -8.40 -8.72
C LEU A 31 -21.52 -9.67 -8.52
N LEU A 32 -20.84 -10.14 -9.56
CA LEU A 32 -19.90 -11.24 -9.37
C LEU A 32 -18.77 -10.82 -8.44
N THR A 33 -18.22 -9.63 -8.64
CA THR A 33 -17.18 -9.13 -7.74
C THR A 33 -17.73 -8.96 -6.32
N HIS A 34 -18.92 -8.37 -6.19
CA HIS A 34 -19.50 -8.13 -4.88
C HIS A 34 -19.81 -9.44 -4.17
N LEU A 35 -20.17 -10.48 -4.93
CA LEU A 35 -20.40 -11.80 -4.34
C LEU A 35 -19.09 -12.46 -3.95
N LEU A 36 -18.04 -12.25 -4.76
CA LEU A 36 -16.74 -12.82 -4.46
C LEU A 36 -16.16 -12.23 -3.17
N LEU A 37 -16.37 -10.93 -2.96
CA LEU A 37 -15.87 -10.30 -1.73
C LEU A 37 -16.51 -10.93 -0.49
N GLN A 38 -17.80 -11.24 -0.57
CA GLN A 38 -18.53 -11.80 0.56
C GLN A 38 -18.71 -13.31 0.46
N ALA A 39 -18.02 -13.96 -0.46
CA ALA A 39 -18.21 -15.40 -0.66
C ALA A 39 -17.63 -16.18 0.51
N PRO A 40 -18.37 -17.14 1.07
CA PRO A 40 -17.82 -18.00 2.12
C PRO A 40 -16.66 -18.83 1.60
N GLU A 41 -15.75 -19.16 2.52
CA GLU A 41 -14.48 -19.77 2.17
C GLU A 41 -14.66 -21.04 1.35
N GLY A 42 -13.86 -21.17 0.29
CA GLY A 42 -13.92 -22.33 -0.57
C GLY A 42 -15.04 -22.32 -1.58
N SER A 43 -15.50 -21.15 -2.00
CA SER A 43 -16.63 -21.05 -2.92
C SER A 43 -16.15 -20.76 -4.34
N LEU A 44 -16.89 -21.28 -5.31
CA LEU A 44 -16.70 -20.97 -6.72
C LEU A 44 -17.83 -20.05 -7.16
N CYS A 45 -17.50 -18.85 -7.61
CA CYS A 45 -18.48 -17.89 -8.05
C CYS A 45 -18.45 -17.79 -9.57
N SER A 46 -19.58 -18.04 -10.20
CA SER A 46 -19.65 -18.18 -11.64
C SER A 46 -20.58 -17.14 -12.24
N LEU A 47 -20.32 -16.78 -13.49
CA LEU A 47 -21.12 -15.80 -14.22
C LEU A 47 -21.66 -16.47 -15.48
N GLU A 48 -22.98 -16.47 -15.63
CA GLU A 48 -23.65 -17.05 -16.78
C GLU A 48 -23.24 -18.51 -16.99
N VAL A 49 -23.27 -19.28 -15.90
CA VAL A 49 -23.01 -20.71 -15.98
C VAL A 49 -24.20 -21.47 -15.41
N LEU A 50 -24.50 -21.25 -14.13
CA LEU A 50 -25.70 -21.81 -13.51
C LEU A 50 -26.88 -20.87 -13.59
N ASP A 51 -26.64 -19.57 -13.46
CA ASP A 51 -27.63 -18.52 -13.64
C ASP A 51 -26.87 -17.27 -14.03
N ASP A 52 -27.53 -16.11 -13.94
CA ASP A 52 -26.86 -14.85 -14.25
C ASP A 52 -25.59 -14.71 -13.42
N VAL A 53 -25.69 -14.86 -12.10
CA VAL A 53 -24.55 -14.96 -11.20
C VAL A 53 -24.85 -16.04 -10.17
N ALA A 54 -23.87 -16.90 -9.90
CA ALA A 54 -24.07 -18.01 -8.98
C ALA A 54 -22.87 -18.14 -8.05
N GLN A 55 -23.10 -18.74 -6.89
CA GLN A 55 -22.02 -19.02 -5.94
C GLN A 55 -22.24 -20.40 -5.35
N GLU A 56 -21.23 -21.26 -5.44
CA GLU A 56 -21.31 -22.61 -4.92
C GLU A 56 -20.30 -22.77 -3.78
N ASN A 57 -20.76 -23.23 -2.63
CA ASN A 57 -19.90 -23.43 -1.48
C ASN A 57 -19.58 -24.91 -1.32
N ASN A 58 -18.64 -25.20 -0.40
CA ASN A 58 -18.22 -26.57 -0.18
C ASN A 58 -19.33 -27.45 0.36
N SER A 59 -20.28 -26.88 1.10
CA SER A 59 -21.40 -27.63 1.65
C SER A 59 -22.45 -27.96 0.60
N GLY A 60 -22.18 -27.71 -0.68
CA GLY A 60 -23.10 -28.03 -1.74
C GLY A 60 -24.15 -26.98 -2.03
N ASP A 61 -24.15 -25.86 -1.31
CA ASP A 61 -25.11 -24.80 -1.57
C ASP A 61 -24.81 -24.10 -2.89
N ILE A 62 -25.86 -23.63 -3.56
CA ILE A 62 -25.73 -22.80 -4.74
C ILE A 62 -26.61 -21.58 -4.53
N LYS A 63 -26.16 -20.44 -5.05
CA LYS A 63 -26.90 -19.18 -4.90
C LYS A 63 -27.07 -18.54 -6.29
N PHE A 64 -28.11 -18.95 -6.99
CA PHE A 64 -28.46 -18.31 -8.26
C PHE A 64 -28.94 -16.89 -7.99
N ILE A 65 -28.50 -15.96 -8.83
CA ILE A 65 -28.80 -14.54 -8.66
C ILE A 65 -29.18 -13.98 -10.02
N GLN A 66 -30.45 -13.66 -10.21
CA GLN A 66 -30.91 -13.05 -11.45
C GLN A 66 -30.83 -11.53 -11.31
N SER A 67 -29.62 -11.01 -11.47
CA SER A 67 -29.40 -9.58 -11.32
C SER A 67 -30.22 -8.79 -12.33
N ALA A 68 -30.96 -7.81 -11.84
CA ALA A 68 -31.74 -6.91 -12.67
C ALA A 68 -31.28 -5.48 -12.43
N SER A 69 -30.96 -4.78 -13.52
CA SER A 69 -30.48 -3.41 -13.44
C SER A 69 -31.66 -2.48 -13.68
N ALA A 70 -32.49 -2.33 -12.66
CA ALA A 70 -33.62 -1.42 -12.74
C ALA A 70 -33.13 0.01 -12.76
N LEU A 71 -33.46 0.72 -13.82
CA LEU A 71 -33.12 2.13 -13.88
C LEU A 71 -34.30 3.02 -14.24
N THR A 72 -35.19 2.59 -15.14
CA THR A 72 -36.40 3.34 -15.45
C THR A 72 -37.57 2.36 -15.56
N ALA A 73 -37.66 1.44 -14.60
CA ALA A 73 -38.70 0.43 -14.59
C ALA A 73 -38.84 -0.09 -13.17
N ASN A 74 -39.52 -1.22 -13.02
CA ASN A 74 -39.68 -1.87 -11.71
C ASN A 74 -39.80 -3.37 -11.90
N PRO A 75 -38.67 -4.07 -12.00
CA PRO A 75 -38.71 -5.52 -12.21
C PRO A 75 -39.36 -6.31 -11.09
N ALA A 76 -39.49 -5.73 -9.89
CA ALA A 76 -40.09 -6.43 -8.77
C ALA A 76 -41.54 -6.02 -8.57
N ALA A 77 -42.13 -5.37 -9.57
CA ALA A 77 -43.53 -4.96 -9.49
C ALA A 77 -44.44 -6.17 -9.44
N ASP A 78 -45.73 -5.92 -9.21
CA ASP A 78 -46.67 -7.03 -9.11
C ASP A 78 -46.80 -7.80 -10.41
N ARG A 79 -46.91 -7.08 -11.53
CA ARG A 79 -47.13 -7.69 -12.84
C ARG A 79 -46.01 -7.22 -13.76
N ALA A 80 -44.88 -7.91 -13.70
CA ALA A 80 -43.72 -7.55 -14.50
C ALA A 80 -43.19 -8.80 -15.19
N LYS A 81 -42.67 -8.60 -16.40
CA LYS A 81 -42.06 -9.70 -17.12
C LYS A 81 -40.86 -10.26 -16.36
N SER A 82 -40.06 -9.37 -15.75
CA SER A 82 -38.82 -9.80 -15.12
C SER A 82 -39.08 -10.74 -13.95
N LEU A 83 -39.94 -10.34 -13.01
CA LEU A 83 -40.14 -11.13 -11.79
C LEU A 83 -40.74 -12.49 -12.11
N TRP A 84 -41.80 -12.53 -12.92
CA TRP A 84 -42.46 -13.80 -13.19
C TRP A 84 -41.65 -14.67 -14.13
N LYS A 85 -40.95 -14.08 -15.10
CA LYS A 85 -40.02 -14.85 -15.91
C LYS A 85 -38.93 -15.47 -15.05
N THR A 86 -38.41 -14.71 -14.09
CA THR A 86 -37.38 -15.22 -13.19
C THR A 86 -37.91 -16.38 -12.36
N LEU A 87 -39.12 -16.23 -11.81
CA LEU A 87 -39.68 -17.30 -10.99
C LEU A 87 -39.96 -18.55 -11.81
N SER A 88 -40.49 -18.38 -13.03
CA SER A 88 -40.71 -19.53 -13.90
C SER A 88 -39.39 -20.19 -14.28
N ASN A 89 -38.35 -19.39 -14.55
CA ASN A 89 -37.04 -19.95 -14.87
C ASN A 89 -36.48 -20.76 -13.70
N TRP A 90 -36.64 -20.24 -12.48
CA TRP A 90 -36.16 -20.98 -11.32
C TRP A 90 -36.97 -22.24 -11.09
N ILE A 91 -38.29 -22.21 -11.36
CA ILE A 91 -39.08 -23.44 -11.26
C ILE A 91 -38.62 -24.45 -12.31
N ASP A 92 -38.28 -23.98 -13.51
CA ASP A 92 -37.72 -24.87 -14.53
C ASP A 92 -36.40 -25.47 -14.06
N LEU A 93 -35.54 -24.65 -13.45
CA LEU A 93 -34.27 -25.16 -12.93
C LEU A 93 -34.51 -26.21 -11.86
N ALA A 94 -35.46 -25.96 -10.96
CA ALA A 94 -35.73 -26.88 -9.86
C ALA A 94 -36.49 -28.12 -10.32
N THR A 95 -37.10 -28.07 -11.50
CA THR A 95 -37.79 -29.25 -12.04
C THR A 95 -36.81 -30.32 -12.50
N SER A 96 -35.53 -29.97 -12.65
CA SER A 96 -34.54 -30.94 -13.08
C SER A 96 -34.45 -32.07 -12.04
N PRO A 97 -34.28 -33.32 -12.49
CA PRO A 97 -34.29 -34.45 -11.56
C PRO A 97 -33.03 -34.60 -10.72
N ASP A 98 -32.08 -33.69 -10.84
CA ASP A 98 -30.82 -33.76 -10.11
C ASP A 98 -30.53 -32.46 -9.39
N PHE A 99 -31.55 -31.89 -8.73
CA PHE A 99 -31.40 -30.58 -8.10
C PHE A 99 -32.40 -30.48 -6.95
N GLU A 100 -31.90 -30.58 -5.73
CA GLU A 100 -32.72 -30.29 -4.55
C GLU A 100 -32.67 -28.80 -4.25
N VAL A 101 -33.74 -28.29 -3.66
CA VAL A 101 -33.89 -26.86 -3.42
C VAL A 101 -33.73 -26.52 -1.94
N GLU A 102 -33.39 -27.49 -1.09
CA GLU A 102 -33.09 -27.18 0.29
C GLU A 102 -31.85 -26.32 0.47
N LYS A 103 -30.93 -26.34 -0.51
CA LYS A 103 -29.82 -25.39 -0.59
C LYS A 103 -29.80 -24.84 -2.01
N ALA A 104 -30.69 -23.87 -2.25
CA ALA A 104 -30.86 -23.30 -3.59
C ALA A 104 -31.13 -21.81 -3.51
N ILE A 105 -30.51 -21.13 -2.56
CA ILE A 105 -30.80 -19.73 -2.26
C ILE A 105 -30.86 -18.91 -3.54
N PHE A 106 -32.00 -18.30 -3.80
CA PHE A 106 -32.23 -17.51 -5.01
C PHE A 106 -32.06 -16.04 -4.68
N GLU A 107 -32.05 -15.22 -5.73
CA GLU A 107 -31.85 -13.79 -5.51
C GLU A 107 -32.35 -13.03 -6.71
N LEU A 108 -32.93 -11.86 -6.47
CA LEU A 108 -33.51 -11.03 -7.51
C LEU A 108 -32.94 -9.62 -7.37
N TYR A 109 -31.62 -9.54 -7.30
CA TYR A 109 -30.90 -8.28 -7.13
C TYR A 109 -31.45 -7.20 -8.07
N VAL A 110 -31.82 -6.07 -7.49
CA VAL A 110 -32.34 -4.92 -8.23
C VAL A 110 -31.46 -3.71 -7.95
N SER A 111 -31.10 -2.97 -9.00
CA SER A 111 -30.22 -1.82 -8.84
C SER A 111 -30.84 -0.77 -7.93
N ARG A 112 -32.12 -0.46 -8.13
CA ARG A 112 -32.82 0.48 -7.27
C ARG A 112 -33.42 -0.25 -6.07
N PRO A 113 -33.67 0.46 -4.97
CA PRO A 113 -34.49 -0.12 -3.90
C PRO A 113 -35.95 -0.04 -4.29
N VAL A 114 -36.55 -1.17 -4.66
CA VAL A 114 -37.89 -1.20 -5.20
C VAL A 114 -38.77 -2.05 -4.30
N GLU A 115 -40.07 -1.76 -4.30
CA GLU A 115 -41.04 -2.49 -3.52
C GLU A 115 -42.23 -2.85 -4.37
N GLY A 116 -42.85 -3.97 -4.04
CA GLY A 116 -44.05 -4.42 -4.72
C GLY A 116 -44.92 -5.19 -3.76
N SER A 117 -46.20 -5.29 -4.08
CA SER A 117 -47.13 -5.97 -3.19
C SER A 117 -46.81 -7.46 -3.08
N ILE A 118 -46.43 -8.09 -4.18
CA ILE A 118 -46.18 -9.54 -4.19
C ILE A 118 -44.72 -9.86 -3.88
N VAL A 119 -43.80 -9.06 -4.41
CA VAL A 119 -42.38 -9.33 -4.19
C VAL A 119 -42.03 -9.18 -2.71
N LYS A 120 -42.69 -8.26 -2.02
CA LYS A 120 -42.45 -8.12 -0.58
C LYS A 120 -42.95 -9.35 0.17
N LYS A 121 -44.12 -9.87 -0.21
CA LYS A 121 -44.60 -11.10 0.41
C LYS A 121 -43.63 -12.24 0.18
N PHE A 122 -43.06 -12.32 -1.02
CA PHE A 122 -42.08 -13.37 -1.29
C PHE A 122 -40.80 -13.16 -0.49
N ASN A 123 -40.35 -11.91 -0.35
CA ASN A 123 -39.10 -11.62 0.32
C ASN A 123 -39.17 -11.83 1.82
N GLU A 124 -40.25 -11.40 2.48
CA GLU A 124 -40.36 -11.56 3.92
C GLU A 124 -40.77 -12.95 4.35
N ALA A 125 -41.37 -13.74 3.45
CA ALA A 125 -41.74 -15.11 3.79
C ALA A 125 -40.50 -15.93 4.06
N LYS A 126 -40.51 -16.68 5.17
CA LYS A 126 -39.37 -17.48 5.56
C LYS A 126 -39.77 -18.91 5.87
N THR A 127 -41.01 -19.11 6.34
CA THR A 127 -41.52 -20.42 6.70
C THR A 127 -42.52 -20.91 5.65
N PRO A 128 -42.67 -22.23 5.51
CA PRO A 128 -43.59 -22.74 4.47
C PRO A 128 -45.02 -22.24 4.60
N GLU A 129 -45.54 -22.13 5.83
CA GLU A 129 -46.92 -21.67 5.99
C GLU A 129 -47.05 -20.20 5.59
N ASP A 130 -46.05 -19.38 5.92
CA ASP A 130 -46.06 -17.99 5.48
C ASP A 130 -45.94 -17.91 3.96
N ALA A 131 -45.10 -18.74 3.36
CA ALA A 131 -44.98 -18.76 1.92
C ALA A 131 -46.29 -19.16 1.25
N GLN A 132 -47.04 -20.07 1.87
CA GLN A 132 -48.33 -20.47 1.30
C GLN A 132 -49.29 -19.29 1.24
N GLU A 133 -49.36 -18.49 2.30
CA GLU A 133 -50.17 -17.28 2.27
C GLU A 133 -49.64 -16.28 1.25
N ALA A 134 -48.32 -16.23 1.08
CA ALA A 134 -47.76 -15.36 0.05
C ALA A 134 -48.25 -15.74 -1.34
N ILE A 135 -48.21 -17.04 -1.68
CA ILE A 135 -48.70 -17.47 -2.98
C ILE A 135 -50.20 -17.28 -3.08
N THR A 136 -50.93 -17.46 -1.97
CA THR A 136 -52.37 -17.21 -2.00
C THR A 136 -52.67 -15.75 -2.34
N HIS A 137 -51.94 -14.83 -1.73
CA HIS A 137 -52.10 -13.42 -2.10
C HIS A 137 -51.71 -13.17 -3.54
N ALA A 138 -50.65 -13.82 -4.02
CA ALA A 138 -50.23 -13.64 -5.40
C ALA A 138 -51.32 -14.10 -6.37
N ARG A 139 -51.92 -15.26 -6.11
CA ARG A 139 -53.01 -15.73 -6.97
C ARG A 139 -54.22 -14.81 -6.88
N THR A 140 -54.59 -14.39 -5.67
CA THR A 140 -55.75 -13.52 -5.52
C THR A 140 -55.56 -12.20 -6.25
N GLU A 141 -54.37 -11.64 -6.22
CA GLU A 141 -54.10 -10.37 -6.88
C GLU A 141 -54.02 -10.49 -8.40
N LEU A 142 -53.56 -11.63 -8.92
CA LEU A 142 -53.31 -11.77 -10.35
C LEU A 142 -54.31 -12.70 -11.02
N TRP A 143 -54.43 -13.96 -10.58
CA TRP A 143 -55.39 -14.86 -11.20
C TRP A 143 -56.81 -14.55 -10.76
N GLY A 144 -56.97 -14.14 -9.51
CA GLY A 144 -58.26 -13.76 -8.97
C GLY A 144 -58.64 -14.69 -7.85
N ASP A 145 -59.94 -14.74 -7.57
CA ASP A 145 -60.46 -15.68 -6.58
C ASP A 145 -60.22 -17.10 -7.04
N SER A 146 -60.02 -18.00 -6.08
CA SER A 146 -59.60 -19.37 -6.40
C SER A 146 -60.56 -20.11 -7.32
N PRO A 147 -61.89 -20.13 -7.11
CA PRO A 147 -62.73 -20.95 -7.98
C PRO A 147 -62.95 -20.34 -9.36
N HIS A 148 -63.09 -19.02 -9.43
CA HIS A 148 -63.51 -18.39 -10.68
C HIS A 148 -62.32 -18.03 -11.56
N PHE A 149 -61.27 -17.48 -10.97
CA PHE A 149 -60.11 -16.97 -11.73
C PHE A 149 -60.57 -15.96 -12.78
N THR A 150 -61.33 -14.95 -12.35
CA THR A 150 -61.89 -13.99 -13.28
C THR A 150 -60.80 -13.20 -14.00
N LEU A 151 -59.75 -12.82 -13.28
CA LEU A 151 -58.70 -12.00 -13.88
C LEU A 151 -57.72 -12.80 -14.73
N LYS A 152 -57.91 -14.11 -14.84
CA LYS A 152 -56.98 -14.94 -15.60
C LYS A 152 -56.87 -14.46 -17.04
N ASP A 153 -58.01 -14.20 -17.67
CA ASP A 153 -57.99 -13.68 -19.04
C ASP A 153 -57.49 -12.24 -19.09
N GLY A 154 -57.56 -11.51 -17.99
CA GLY A 154 -57.05 -10.15 -17.98
C GLY A 154 -55.54 -10.10 -17.90
N ILE A 155 -54.92 -11.18 -17.44
CA ILE A 155 -53.46 -11.22 -17.31
C ILE A 155 -52.83 -11.11 -18.69
N SER A 156 -51.74 -10.36 -18.77
CA SER A 156 -51.14 -10.03 -20.06
C SER A 156 -50.54 -11.25 -20.71
N LYS A 157 -50.42 -11.19 -22.05
CA LYS A 157 -49.86 -12.31 -22.79
C LYS A 157 -48.42 -12.57 -22.42
N GLU A 158 -47.63 -11.50 -22.22
CA GLU A 158 -46.23 -11.67 -21.85
C GLU A 158 -46.09 -12.40 -20.51
N ILE A 159 -46.93 -12.03 -19.54
CA ILE A 159 -46.86 -12.60 -18.21
C ILE A 159 -47.66 -13.89 -18.09
N SER A 160 -48.55 -14.17 -19.04
CA SER A 160 -49.50 -15.27 -18.87
C SER A 160 -48.79 -16.62 -18.76
N LYS A 161 -47.90 -16.93 -19.70
CA LYS A 161 -47.23 -18.22 -19.70
C LYS A 161 -46.41 -18.41 -18.44
N TYR A 162 -45.65 -17.39 -18.05
CA TYR A 162 -44.78 -17.51 -16.89
C TYR A 162 -45.57 -17.64 -15.60
N VAL A 163 -46.65 -16.86 -15.46
CA VAL A 163 -47.47 -16.95 -14.26
C VAL A 163 -48.18 -18.29 -14.19
N GLU A 164 -48.59 -18.82 -15.36
CA GLU A 164 -49.19 -20.15 -15.39
C GLU A 164 -48.19 -21.21 -14.94
N LYS A 165 -46.96 -21.12 -15.44
CA LYS A 165 -45.95 -22.09 -15.03
C LYS A 165 -45.64 -21.98 -13.56
N VAL A 166 -45.61 -20.76 -13.03
CA VAL A 166 -45.34 -20.57 -11.60
C VAL A 166 -46.45 -21.19 -10.77
N PHE A 167 -47.71 -20.86 -11.08
CA PHE A 167 -48.81 -21.26 -10.20
C PHE A 167 -49.17 -22.73 -10.37
N THR A 168 -49.11 -23.27 -11.58
CA THR A 168 -49.51 -24.65 -11.80
C THR A 168 -48.41 -25.65 -11.44
N ALA A 169 -47.21 -25.18 -11.10
CA ALA A 169 -46.13 -26.07 -10.73
C ALA A 169 -46.41 -26.72 -9.38
N ASP A 170 -45.51 -27.60 -8.97
CA ASP A 170 -45.68 -28.34 -7.72
C ASP A 170 -45.81 -27.38 -6.55
N GLN A 171 -46.81 -27.62 -5.71
CA GLN A 171 -47.13 -26.68 -4.64
C GLN A 171 -46.00 -26.60 -3.62
N ASN A 172 -45.47 -27.74 -3.19
CA ASN A 172 -44.35 -27.73 -2.25
C ASN A 172 -43.09 -27.17 -2.90
N LEU A 173 -42.88 -27.44 -4.18
CA LEU A 173 -41.72 -26.91 -4.88
C LEU A 173 -41.76 -25.38 -4.93
N LEU A 174 -42.89 -24.81 -5.36
CA LEU A 174 -43.01 -23.36 -5.37
C LEU A 174 -42.97 -22.80 -3.97
N GLN A 175 -43.49 -23.54 -2.99
CA GLN A 175 -43.46 -23.09 -1.60
C GLN A 175 -42.02 -22.93 -1.11
N ARG A 176 -41.19 -23.95 -1.35
CA ARG A 176 -39.79 -23.87 -0.93
C ARG A 176 -39.01 -22.87 -1.78
N LEU A 177 -39.38 -22.71 -3.05
CA LEU A 177 -38.75 -21.68 -3.87
C LEU A 177 -39.03 -20.29 -3.33
N ILE A 178 -40.27 -20.04 -2.91
CA ILE A 178 -40.63 -18.74 -2.35
C ILE A 178 -39.96 -18.55 -0.99
N CYS A 179 -39.86 -19.62 -0.21
CA CYS A 179 -39.14 -19.54 1.06
C CYS A 179 -37.68 -19.15 0.84
N ASN A 180 -37.01 -19.78 -0.12
CA ASN A 180 -35.62 -19.48 -0.43
C ASN A 180 -35.44 -18.23 -1.26
N PHE A 181 -36.52 -17.69 -1.84
CA PHE A 181 -36.44 -16.46 -2.60
C PHE A 181 -35.95 -15.32 -1.71
N GLN A 182 -35.15 -14.43 -2.29
CA GLN A 182 -34.62 -13.29 -1.56
C GLN A 182 -34.49 -12.11 -2.52
N LEU A 183 -34.91 -10.94 -2.04
CA LEU A 183 -34.83 -9.72 -2.82
C LEU A 183 -33.73 -8.85 -2.23
N THR A 184 -32.63 -8.71 -2.96
CA THR A 184 -31.46 -7.98 -2.49
C THR A 184 -31.35 -6.69 -3.30
N LEU A 185 -31.97 -5.63 -2.81
CA LEU A 185 -31.92 -4.35 -3.49
C LEU A 185 -30.57 -3.68 -3.29
N GLY A 186 -30.17 -2.89 -4.27
CA GLY A 186 -28.97 -2.09 -4.15
C GLY A 186 -29.24 -0.77 -3.47
N SER A 187 -28.60 0.31 -3.95
CA SER A 187 -28.85 1.62 -3.39
C SER A 187 -28.93 2.70 -4.46
N GLY A 188 -29.25 2.35 -5.70
CA GLY A 188 -29.22 3.27 -6.82
C GLY A 188 -27.92 3.23 -7.60
N SER A 189 -26.85 2.72 -6.99
CA SER A 189 -25.57 2.53 -7.65
C SER A 189 -24.98 1.23 -7.13
N PRO A 190 -25.04 0.14 -7.91
CA PRO A 190 -24.40 -1.11 -7.47
C PRO A 190 -22.89 -1.01 -7.38
N GLN A 191 -22.28 0.02 -7.96
CA GLN A 191 -20.85 0.23 -7.91
C GLN A 191 -20.40 0.98 -6.67
N ALA A 192 -21.32 1.58 -5.94
CA ALA A 192 -21.00 2.26 -4.69
C ALA A 192 -21.32 1.39 -3.49
N ASP A 193 -22.03 0.29 -3.69
CA ASP A 193 -22.16 -0.75 -2.68
C ASP A 193 -21.01 -1.74 -2.70
N LEU A 194 -20.35 -1.90 -3.85
CA LEU A 194 -19.11 -2.66 -3.92
C LEU A 194 -17.99 -1.94 -3.19
N GLU A 195 -17.85 -0.64 -3.42
CA GLU A 195 -16.84 0.14 -2.73
C GLU A 195 -17.12 0.22 -1.24
N ALA A 196 -18.40 0.21 -0.85
CA ALA A 196 -18.73 0.14 0.57
C ALA A 196 -18.27 -1.19 1.17
N CYS A 197 -18.41 -2.28 0.41
CA CYS A 197 -17.91 -3.58 0.86
C CYS A 197 -16.39 -3.55 0.99
N VAL A 198 -15.70 -2.90 0.05
CA VAL A 198 -14.24 -2.86 0.09
C VAL A 198 -13.74 -2.02 1.26
N ARG A 199 -14.35 -0.86 1.48
CA ARG A 199 -13.89 0.03 2.55
C ARG A 199 -14.22 -0.51 3.92
N SER A 200 -15.04 -1.56 4.01
CA SER A 200 -15.30 -2.20 5.29
C SER A 200 -14.25 -3.23 5.65
N HIS A 201 -13.18 -3.34 4.87
CA HIS A 201 -12.09 -4.28 5.08
C HIS A 201 -10.86 -3.55 5.61
N PRO A 202 -9.87 -4.29 6.14
CA PRO A 202 -8.64 -3.64 6.61
C PRO A 202 -7.80 -3.09 5.48
N VAL A 203 -8.25 -2.00 4.87
CA VAL A 203 -7.48 -1.28 3.86
C VAL A 203 -7.52 0.20 4.21
N SER A 204 -6.53 0.93 3.73
CA SER A 204 -6.50 2.37 3.96
C SER A 204 -7.68 3.01 3.24
N PRO A 205 -8.49 3.83 3.93
CA PRO A 205 -9.63 4.46 3.25
C PRO A 205 -9.22 5.33 2.08
N SER A 206 -7.97 5.81 2.05
CA SER A 206 -7.47 6.52 0.88
C SER A 206 -7.20 5.60 -0.29
N LYS A 207 -7.00 4.30 -0.04
CA LYS A 207 -6.70 3.34 -1.09
C LYS A 207 -7.89 2.49 -1.49
N VAL A 208 -9.07 2.74 -0.92
CA VAL A 208 -10.22 1.87 -1.14
C VAL A 208 -10.58 1.81 -2.62
N SER A 209 -10.54 2.95 -3.30
CA SER A 209 -10.79 2.94 -4.73
C SER A 209 -9.74 2.09 -5.47
N ASP A 210 -8.46 2.23 -5.10
CA ASP A 210 -7.40 1.57 -5.84
C ASP A 210 -7.57 0.06 -5.81
N ILE A 211 -7.97 -0.49 -4.66
CA ILE A 211 -8.31 -1.91 -4.61
C ILE A 211 -9.52 -2.20 -5.46
N THR A 212 -10.59 -1.41 -5.29
CA THR A 212 -11.86 -1.72 -5.96
C THR A 212 -11.72 -1.62 -7.46
N ASN A 213 -10.94 -0.66 -7.95
CA ASN A 213 -10.66 -0.59 -9.37
C ASN A 213 -9.93 -1.84 -9.85
N TYR A 214 -8.96 -2.33 -9.06
CA TYR A 214 -8.17 -3.46 -9.51
C TYR A 214 -8.96 -4.76 -9.43
N LEU A 215 -9.71 -4.96 -8.34
CA LEU A 215 -10.40 -6.23 -8.12
C LEU A 215 -11.32 -6.56 -9.29
N CYS A 216 -12.23 -5.64 -9.63
CA CYS A 216 -13.07 -5.84 -10.80
C CYS A 216 -12.25 -6.05 -12.06
N GLY A 217 -11.12 -5.35 -12.19
CA GLY A 217 -10.27 -5.56 -13.33
C GLY A 217 -9.83 -7.01 -13.46
N LYS A 218 -9.51 -7.65 -12.33
CA LYS A 218 -9.33 -9.09 -12.37
C LYS A 218 -10.63 -9.78 -12.72
N VAL A 219 -11.69 -9.49 -11.95
CA VAL A 219 -12.92 -10.28 -12.03
C VAL A 219 -13.51 -10.21 -13.43
N LYS A 220 -13.41 -9.04 -14.07
CA LYS A 220 -13.78 -8.97 -15.47
C LYS A 220 -12.81 -9.76 -16.33
N ARG A 221 -11.54 -9.35 -16.33
CA ARG A 221 -10.60 -9.85 -17.33
C ARG A 221 -10.49 -11.37 -17.28
N HIS A 222 -10.23 -11.93 -16.10
CA HIS A 222 -10.16 -13.37 -15.98
C HIS A 222 -11.43 -14.02 -16.53
N ILE A 223 -12.60 -13.57 -16.07
CA ILE A 223 -13.84 -14.13 -16.57
C ILE A 223 -13.93 -13.95 -18.08
N ASP A 224 -13.54 -12.77 -18.57
CA ASP A 224 -13.51 -12.56 -20.01
C ASP A 224 -12.59 -13.57 -20.67
N MET A 225 -11.37 -13.71 -20.18
CA MET A 225 -10.45 -14.67 -20.77
C MET A 225 -10.95 -16.11 -20.60
N LEU A 226 -11.86 -16.33 -19.66
CA LEU A 226 -12.37 -17.66 -19.45
C LEU A 226 -13.57 -17.93 -20.35
N LEU A 227 -14.21 -16.88 -20.86
CA LEU A 227 -15.32 -17.09 -21.79
C LEU A 227 -14.86 -16.97 -23.24
N GLU A 228 -13.77 -16.23 -23.48
CA GLU A 228 -13.25 -16.09 -24.84
C GLU A 228 -12.70 -17.41 -25.37
N ALA A 229 -12.46 -18.36 -24.48
CA ALA A 229 -12.03 -19.70 -24.85
C ALA A 229 -13.18 -20.70 -24.84
N GLU A 230 -14.42 -20.22 -24.75
CA GLU A 230 -15.61 -21.08 -24.77
C GLU A 230 -15.62 -22.07 -23.60
N LYS A 231 -15.15 -21.62 -22.45
CA LYS A 231 -15.10 -22.40 -21.23
C LYS A 231 -15.99 -21.78 -20.15
N PRO A 232 -16.38 -22.56 -19.14
CA PRO A 232 -17.17 -21.99 -18.04
C PRO A 232 -16.40 -20.87 -17.35
N ALA A 233 -17.13 -19.83 -16.95
CA ALA A 233 -16.56 -18.65 -16.33
C ALA A 233 -16.77 -18.75 -14.82
N VAL A 234 -15.79 -19.33 -14.14
CA VAL A 234 -15.86 -19.56 -12.70
C VAL A 234 -14.59 -19.00 -12.08
N ILE A 235 -14.75 -18.10 -11.10
CA ILE A 235 -13.62 -17.66 -10.28
C ILE A 235 -13.71 -18.38 -8.94
N ALA A 236 -12.64 -19.07 -8.57
CA ALA A 236 -12.54 -19.62 -7.23
C ALA A 236 -12.21 -18.48 -6.28
N ARG A 237 -13.00 -18.34 -5.21
CA ARG A 237 -12.80 -17.21 -4.31
C ARG A 237 -11.45 -17.29 -3.62
N ASP A 238 -10.87 -18.49 -3.54
CA ASP A 238 -9.50 -18.60 -3.07
C ASP A 238 -8.54 -17.88 -4.01
N ASP A 239 -8.74 -18.04 -5.32
CA ASP A 239 -7.93 -17.32 -6.29
C ASP A 239 -8.19 -15.81 -6.21
N PHE A 240 -9.44 -15.41 -6.03
CA PHE A 240 -9.75 -13.99 -5.92
C PHE A 240 -9.07 -13.38 -4.71
N TYR A 241 -9.14 -14.07 -3.56
CA TYR A 241 -8.46 -13.55 -2.38
C TYR A 241 -6.94 -13.65 -2.50
N THR A 242 -6.43 -14.58 -3.31
CA THR A 242 -5.00 -14.56 -3.59
C THR A 242 -4.60 -13.28 -4.31
N TRP A 243 -5.33 -12.93 -5.37
CA TRP A 243 -5.05 -11.66 -6.03
C TRP A 243 -5.26 -10.49 -5.05
N TYR A 244 -6.28 -10.60 -4.20
CA TYR A 244 -6.65 -9.52 -3.30
C TYR A 244 -5.55 -9.25 -2.28
N LYS A 245 -5.07 -10.30 -1.61
CA LYS A 245 -3.98 -10.14 -0.65
C LYS A 245 -2.70 -9.70 -1.34
N ALA A 246 -2.38 -10.31 -2.49
CA ALA A 246 -1.16 -9.93 -3.20
C ALA A 246 -1.20 -8.47 -3.61
N TYR A 247 -2.40 -7.94 -3.90
CA TYR A 247 -2.52 -6.53 -4.21
C TYR A 247 -2.41 -5.66 -2.96
N VAL A 248 -3.07 -6.07 -1.88
CA VAL A 248 -3.09 -5.25 -0.67
C VAL A 248 -1.70 -5.11 -0.09
N GLN A 249 -0.93 -6.20 -0.05
CA GLN A 249 0.43 -6.13 0.46
C GLN A 249 1.33 -5.26 -0.42
N LYS A 250 0.93 -4.99 -1.65
CA LYS A 250 1.69 -4.09 -2.52
C LYS A 250 0.83 -2.91 -2.96
N LEU A 257 4.66 8.97 6.07
CA LEU A 257 4.11 9.72 7.19
C LEU A 257 4.08 11.22 6.90
N SER A 258 3.03 11.87 7.40
CA SER A 258 2.89 13.32 7.30
C SER A 258 2.52 13.88 8.66
N SER A 259 3.12 15.00 9.02
CA SER A 259 2.88 15.63 10.31
C SER A 259 1.92 16.80 10.17
N ARG A 260 1.03 16.93 11.16
CA ARG A 260 0.08 18.02 11.20
C ARG A 260 0.24 18.89 12.45
N ALA A 261 1.39 18.83 13.11
CA ALA A 261 1.65 19.60 14.32
C ALA A 261 2.29 20.92 13.92
N GLN A 262 1.50 21.99 13.94
CA GLN A 262 2.03 23.31 13.65
C GLN A 262 2.89 23.79 14.81
N ALA A 263 3.79 24.73 14.50
CA ALA A 263 4.70 25.25 15.52
C ALA A 263 3.89 25.98 16.59
N PRO A 264 4.10 25.66 17.87
CA PRO A 264 3.33 26.32 18.92
C PRO A 264 3.75 27.77 19.10
N VAL A 265 2.81 28.56 19.64
CA VAL A 265 3.10 29.96 19.92
C VAL A 265 4.11 30.05 21.07
N LYS A 266 4.86 31.16 21.08
CA LYS A 266 5.91 31.32 22.08
C LYS A 266 5.33 31.39 23.48
N GLU A 267 4.15 31.99 23.64
CA GLU A 267 3.53 32.08 24.95
C GLU A 267 3.22 30.71 25.52
N LYS A 268 2.74 29.79 24.68
CA LYS A 268 2.46 28.43 25.13
C LYS A 268 3.73 27.69 25.53
N ALA A 269 4.90 28.12 25.04
CA ALA A 269 6.13 27.40 25.32
C ALA A 269 6.55 27.54 26.78
N GLN A 270 6.38 28.73 27.36
CA GLN A 270 6.89 28.96 28.71
C GLN A 270 6.15 28.16 29.78
N GLU A 271 4.95 27.67 29.48
CA GLU A 271 4.21 26.92 30.49
C GLU A 271 4.83 25.56 30.77
N TYR A 272 5.66 25.04 29.86
CA TYR A 272 6.33 23.76 30.04
C TYR A 272 7.64 23.88 30.80
N LEU A 273 8.03 25.09 31.19
CA LEU A 273 9.28 25.27 31.92
C LEU A 273 9.38 24.46 33.21
N PRO A 274 8.35 24.37 34.07
CA PRO A 274 8.50 23.60 35.31
C PRO A 274 8.68 22.09 35.10
N ASP A 275 8.47 21.58 33.89
CA ASP A 275 8.58 20.14 33.65
C ASP A 275 10.01 19.67 33.83
N LYS A 276 10.16 18.41 34.25
CA LYS A 276 11.48 17.81 34.38
C LYS A 276 12.21 17.75 33.05
N PHE A 277 11.47 17.77 31.94
CA PHE A 277 12.08 17.83 30.61
C PHE A 277 12.98 19.05 30.46
N VAL A 278 12.48 20.24 30.84
CA VAL A 278 13.29 21.44 30.82
C VAL A 278 14.29 21.45 31.98
N GLN A 279 13.96 20.73 33.06
CA GLN A 279 14.95 20.63 34.17
C GLN A 279 16.21 19.96 33.61
N GLN A 280 16.05 18.86 32.87
CA GLN A 280 17.22 18.11 32.32
C GLN A 280 17.96 18.94 31.27
N LEU A 281 17.24 19.44 30.26
CA LEU A 281 17.87 20.19 29.17
C LEU A 281 18.91 21.15 29.73
N GLU A 282 18.63 21.71 30.92
CA GLU A 282 19.53 22.71 31.53
C GLU A 282 20.23 22.10 32.74
N ILE A 283 19.95 20.83 33.05
CA ILE A 283 20.76 20.18 34.15
C ILE A 283 22.24 20.46 33.76
N ILE A 284 22.62 19.91 32.61
CA ILE A 284 23.95 20.18 32.02
C ILE A 284 23.83 21.54 31.35
N GLY A 285 22.89 22.39 31.81
CA GLY A 285 22.72 23.69 31.16
C GLY A 285 22.46 23.48 29.69
N LEU A 286 22.63 24.52 28.89
CA LEU A 286 22.42 24.52 27.42
C LEU A 286 21.77 25.86 27.09
N PRO A 287 22.49 26.74 26.36
CA PRO A 287 21.93 28.00 25.96
C PRO A 287 20.41 27.90 25.93
N TYR A 288 19.74 28.70 26.75
CA TYR A 288 18.25 28.73 26.74
C TYR A 288 17.80 28.97 25.31
N GLU A 289 18.66 29.56 24.48
CA GLU A 289 18.28 29.65 23.05
C GLU A 289 17.90 28.24 22.60
N GLU A 290 18.01 27.28 23.52
CA GLU A 290 17.65 25.88 23.23
C GLU A 290 16.26 25.61 23.72
N ILE A 291 16.13 25.56 25.03
CA ILE A 291 14.83 25.14 25.59
C ILE A 291 13.66 25.67 24.76
N LEU A 292 13.83 26.69 23.90
CA LEU A 292 12.66 27.02 23.10
C LEU A 292 12.44 26.00 21.98
N GLY A 293 13.50 25.69 21.23
CA GLY A 293 13.39 24.69 20.19
C GLY A 293 13.06 23.32 20.74
N ALA A 294 13.65 22.98 21.88
CA ALA A 294 13.37 21.68 22.48
C ALA A 294 11.91 21.56 22.88
N ILE A 295 11.35 22.61 23.48
CA ILE A 295 9.94 22.57 23.88
C ILE A 295 9.06 22.53 22.65
N SER A 296 9.44 23.25 21.58
CA SER A 296 8.69 23.18 20.34
C SER A 296 8.64 21.75 19.82
N ASP A 297 9.80 21.09 19.74
CA ASP A 297 9.84 19.71 19.27
C ASP A 297 9.01 18.80 20.16
N TYR A 298 9.09 19.01 21.48
CA TYR A 298 8.23 18.29 22.41
C TYR A 298 6.77 18.39 22.00
N LEU A 299 6.31 19.61 21.74
CA LEU A 299 4.88 19.80 21.44
C LEU A 299 4.51 19.15 20.10
N MET A 300 5.35 19.33 19.07
CA MET A 300 5.00 18.75 17.78
C MET A 300 4.96 17.23 17.85
N ALA A 301 5.93 16.62 18.53
CA ALA A 301 5.91 15.16 18.65
C ALA A 301 4.72 14.70 19.48
N SER A 302 4.39 15.41 20.56
CA SER A 302 3.27 15.01 21.40
C SER A 302 1.97 15.06 20.62
N PHE A 303 1.79 16.08 19.78
CA PHE A 303 0.58 16.11 18.97
C PHE A 303 0.61 15.06 17.87
N ASP A 304 1.78 14.83 17.26
CA ASP A 304 1.88 13.88 16.16
C ASP A 304 1.56 12.46 16.60
N ARG A 305 2.07 12.06 17.77
CA ARG A 305 1.79 10.72 18.26
C ARG A 305 0.28 10.48 18.39
N THR A 306 -0.40 11.40 19.07
CA THR A 306 -1.84 11.25 19.27
C THR A 306 -2.60 11.32 17.95
N ASP A 307 -2.20 12.23 17.05
CA ASP A 307 -2.89 12.36 15.77
C ASP A 307 -2.77 11.09 14.95
N TRP A 308 -1.57 10.54 14.84
CA TRP A 308 -1.38 9.33 14.05
C TRP A 308 -2.05 8.14 14.71
N ALA A 309 -2.08 8.09 16.04
CA ALA A 309 -2.81 7.01 16.71
C ALA A 309 -4.30 7.10 16.45
N ALA A 310 -4.84 8.32 16.43
CA ALA A 310 -6.29 8.49 16.32
C ALA A 310 -6.77 8.33 14.89
N ARG A 311 -6.31 9.20 13.98
CA ARG A 311 -6.80 9.14 12.60
C ARG A 311 -6.36 7.84 11.93
N GLY A 312 -5.18 7.35 12.28
CA GLY A 312 -4.67 6.07 11.84
C GLY A 312 -3.67 6.19 10.73
N GLU A 313 -2.40 6.24 11.11
CA GLU A 313 -1.30 6.03 10.18
C GLU A 313 -0.15 5.23 10.78
N VAL A 314 -0.11 5.06 12.10
CA VAL A 314 0.95 4.34 12.81
C VAL A 314 0.32 3.67 14.02
N ASP A 315 0.66 2.40 14.24
CA ASP A 315 0.14 1.69 15.39
C ASP A 315 0.76 2.23 16.69
N GLU A 316 0.06 2.01 17.80
CA GLU A 316 0.61 2.40 19.10
C GLU A 316 1.75 1.48 19.51
N THR A 317 1.66 0.19 19.16
CA THR A 317 2.77 -0.72 19.41
C THR A 317 4.01 -0.26 18.65
N SER A 318 3.81 0.35 17.48
CA SER A 318 4.91 0.95 16.75
C SER A 318 5.55 2.07 17.55
N PHE A 319 4.74 2.90 18.21
CA PHE A 319 5.30 3.95 19.06
C PHE A 319 6.06 3.37 20.24
N ASP A 320 5.55 2.29 20.84
CA ASP A 320 6.26 1.65 21.94
C ASP A 320 7.61 1.10 21.47
N ASP A 321 7.63 0.44 20.31
CA ASP A 321 8.88 -0.09 19.78
C ASP A 321 9.86 1.03 19.44
N LEU A 322 9.36 2.12 18.88
CA LEU A 322 10.21 3.27 18.59
C LEU A 322 10.82 3.83 19.87
N ASP A 323 10.02 3.95 20.92
CA ASP A 323 10.53 4.41 22.21
C ASP A 323 11.60 3.48 22.75
N THR A 324 11.38 2.17 22.65
CA THR A 324 12.38 1.21 23.11
C THR A 324 13.67 1.35 22.32
N ALA A 325 13.57 1.52 21.00
CA ALA A 325 14.75 1.68 20.17
C ALA A 325 15.53 2.93 20.55
N LEU A 326 14.83 4.06 20.74
CA LEU A 326 15.51 5.28 21.14
C LEU A 326 16.13 5.15 22.53
N GLN A 327 15.47 4.42 23.44
CA GLN A 327 16.03 4.23 24.78
C GLN A 327 17.31 3.42 24.73
N ARG A 328 17.32 2.33 23.95
CA ARG A 328 18.54 1.53 23.83
C ARG A 328 19.65 2.31 23.15
N THR A 329 19.31 3.09 22.12
CA THR A 329 20.32 3.91 21.48
C THR A 329 20.87 4.94 22.45
N TRP A 330 20.02 5.55 23.28
CA TRP A 330 20.51 6.49 24.28
C TRP A 330 21.45 5.80 25.26
N LYS A 331 21.11 4.59 25.70
CA LYS A 331 21.97 3.88 26.64
C LYS A 331 23.34 3.59 26.04
N ASN A 332 23.37 3.02 24.83
CA ASN A 332 24.64 2.69 24.21
C ASN A 332 25.44 3.95 23.88
N LYS A 333 24.76 5.01 23.41
CA LYS A 333 25.46 6.26 23.14
C LYS A 333 25.99 6.90 24.42
N GLN A 334 25.27 6.73 25.53
CA GLN A 334 25.77 7.22 26.81
C GLN A 334 27.06 6.53 27.19
N ARG A 335 27.09 5.20 27.08
CA ARG A 335 28.31 4.47 27.39
C ARG A 335 29.44 4.90 26.47
N ILE A 336 29.16 5.01 25.16
CA ILE A 336 30.20 5.38 24.20
C ILE A 336 30.73 6.78 24.51
N CYS A 337 29.84 7.74 24.70
CA CYS A 337 30.26 9.11 24.94
C CYS A 337 31.06 9.22 26.22
N GLY A 338 30.58 8.59 27.31
CA GLY A 338 31.33 8.63 28.55
C GLY A 338 32.72 8.04 28.41
N LEU A 339 32.83 6.87 27.81
CA LEU A 339 34.14 6.22 27.70
C LEU A 339 35.09 7.01 26.79
N THR A 340 34.58 7.49 25.66
CA THR A 340 35.45 8.18 24.70
C THR A 340 35.86 9.57 25.22
N HIS A 341 34.88 10.35 25.71
CA HIS A 341 35.15 11.72 26.15
C HIS A 341 35.19 11.84 27.66
N SER A 342 35.66 10.81 28.37
CA SER A 342 35.86 10.92 29.81
C SER A 342 36.86 12.01 30.19
N GLU A 343 37.71 12.44 29.27
CA GLU A 343 38.65 13.52 29.53
C GLU A 343 38.00 14.88 29.30
N LYS A 344 36.81 15.07 29.86
CA LYS A 344 36.07 16.31 29.76
C LYS A 344 35.20 16.46 31.00
N SER A 345 34.82 17.70 31.28
CA SER A 345 33.86 17.95 32.36
C SER A 345 32.48 17.48 31.94
N GLU A 346 31.65 17.15 32.95
CA GLU A 346 30.31 16.66 32.67
C GLU A 346 29.49 17.63 31.85
N GLN A 347 29.92 18.88 31.83
CA GLN A 347 29.17 19.91 31.09
C GLN A 347 29.31 19.60 29.61
N ASP A 348 30.50 19.23 29.20
CA ASP A 348 30.73 18.91 27.79
C ASP A 348 30.08 17.58 27.42
N GLN A 349 30.23 16.56 28.27
CA GLN A 349 29.71 15.24 27.93
C GLN A 349 28.19 15.25 27.83
N GLY A 350 27.58 16.14 28.56
CA GLY A 350 26.12 16.25 28.48
C GLY A 350 25.71 16.72 27.11
N LYS A 351 26.32 17.79 26.62
CA LYS A 351 25.81 18.28 25.33
C LYS A 351 26.29 17.33 24.22
N LEU A 352 27.41 16.59 24.44
CA LEU A 352 27.89 15.65 23.44
C LEU A 352 26.95 14.47 23.31
N LEU A 353 26.47 13.94 24.43
CA LEU A 353 25.42 12.93 24.40
C LEU A 353 24.14 13.47 23.78
N TYR A 354 23.87 14.71 24.10
CA TYR A 354 22.60 15.25 23.65
C TYR A 354 22.57 15.22 22.14
N PHE A 355 23.36 16.08 21.56
CA PHE A 355 23.28 16.28 20.11
C PHE A 355 23.49 14.99 19.34
N GLU A 356 24.40 14.12 19.79
CA GLU A 356 24.61 12.85 19.11
C GLU A 356 23.36 11.98 19.17
N CYS A 357 22.66 11.99 20.30
CA CYS A 357 21.36 11.30 20.36
C CYS A 357 20.35 11.95 19.44
N MET A 358 20.41 13.27 19.28
CA MET A 358 19.47 13.94 18.38
C MET A 358 19.80 13.74 16.92
N GLN A 359 20.99 13.22 16.60
CA GLN A 359 21.30 12.83 15.23
C GLN A 359 21.08 11.35 14.96
N PHE A 360 20.04 10.76 15.53
CA PHE A 360 19.77 9.34 15.29
C PHE A 360 18.54 9.28 14.40
N ASN A 361 18.57 8.45 13.36
CA ASN A 361 17.63 8.56 12.24
C ASN A 361 17.00 7.19 11.99
N ILE A 362 16.44 6.61 13.03
CA ILE A 362 15.63 5.39 12.85
C ILE A 362 14.32 5.75 12.19
N PRO A 363 13.78 4.92 11.31
CA PRO A 363 12.45 5.18 10.76
C PRO A 363 11.35 4.55 11.61
N LEU A 364 10.20 5.21 11.63
CA LEU A 364 9.05 4.73 12.39
C LEU A 364 8.33 3.65 11.59
N GLN A 365 8.31 2.43 12.12
CA GLN A 365 7.74 1.25 11.46
C GLN A 365 8.00 1.25 9.96
N ALA A 366 9.28 1.39 9.61
CA ALA A 366 9.81 1.38 8.25
C ALA A 366 9.42 2.60 7.44
N MET A 367 8.61 3.50 7.99
CA MET A 367 8.29 4.76 7.33
C MET A 367 9.18 5.86 7.89
N SER A 368 9.70 6.71 7.02
CA SER A 368 10.58 7.78 7.45
C SER A 368 9.77 8.88 8.13
N PRO A 369 10.02 9.18 9.40
CA PRO A 369 9.28 10.25 10.07
C PRO A 369 9.78 11.61 9.62
N PRO A 370 9.03 12.67 9.86
CA PRO A 370 9.51 14.02 9.52
C PRO A 370 10.77 14.38 10.29
N SER A 371 11.38 15.49 9.88
CA SER A 371 12.72 15.85 10.35
C SER A 371 12.77 16.20 11.83
N HIS A 372 11.63 16.39 12.48
CA HIS A 372 11.59 16.74 13.89
C HIS A 372 11.08 15.62 14.79
N PHE A 373 10.50 14.56 14.21
CA PHE A 373 9.77 13.59 15.02
C PHE A 373 10.67 12.88 16.01
N ILE A 374 11.85 12.43 15.56
CA ILE A 374 12.73 11.67 16.44
C ILE A 374 13.25 12.52 17.60
N PRO A 375 13.76 13.75 17.39
CA PRO A 375 14.13 14.57 18.55
C PRO A 375 12.97 14.86 19.48
N GLY A 376 11.76 15.07 18.92
CA GLY A 376 10.62 15.32 19.77
C GLY A 376 10.23 14.13 20.62
N CYS A 377 10.28 12.93 20.02
CA CYS A 377 10.00 11.72 20.79
C CYS A 377 11.07 11.46 21.83
N TYR A 378 12.33 11.80 21.51
CA TYR A 378 13.39 11.74 22.52
C TYR A 378 13.06 12.68 23.67
N HIS A 379 12.58 13.89 23.38
CA HIS A 379 12.18 14.81 24.42
C HIS A 379 11.04 14.26 25.26
N ILE A 380 10.04 13.65 24.59
CA ILE A 380 8.91 13.07 25.30
C ILE A 380 9.38 12.00 26.26
N LEU A 381 10.27 11.13 25.80
CA LEU A 381 10.85 10.11 26.67
C LEU A 381 11.70 10.74 27.78
N ALA A 382 12.35 11.88 27.52
CA ALA A 382 13.20 12.49 28.52
C ALA A 382 12.39 13.20 29.59
N ASP A 383 11.16 13.60 29.27
CA ASP A 383 10.28 14.14 30.29
C ASP A 383 10.04 13.12 31.40
N SER A 384 9.97 11.84 31.05
CA SER A 384 9.93 10.79 32.05
C SER A 384 11.31 10.60 32.66
N LEU A 385 11.39 9.69 33.64
CA LEU A 385 12.64 9.48 34.35
C LEU A 385 13.59 8.58 33.57
N ALA A 386 13.13 8.06 32.42
CA ALA A 386 13.88 7.02 31.73
C ALA A 386 15.21 7.51 31.20
N VAL A 387 15.22 8.60 30.44
CA VAL A 387 16.38 9.02 29.66
C VAL A 387 16.69 10.47 29.94
N GLY A 388 17.97 10.81 29.97
CA GLY A 388 18.41 12.19 30.15
C GLY A 388 19.78 12.41 29.56
N TRP A 389 20.05 13.66 29.16
CA TRP A 389 21.35 14.00 28.50
C TRP A 389 22.34 14.63 29.48
N HIS A 390 22.82 13.85 30.45
CA HIS A 390 23.80 14.29 31.44
C HIS A 390 24.48 13.05 32.00
N PRO A 391 25.79 13.10 32.26
CA PRO A 391 26.46 11.90 32.77
C PRO A 391 25.89 11.38 34.08
N ASN A 392 25.40 12.28 34.95
CA ASN A 392 24.86 11.89 36.26
C ASN A 392 23.53 12.63 36.49
N TYR A 393 22.65 12.56 35.49
CA TYR A 393 21.41 13.35 35.56
C TYR A 393 20.52 12.91 36.71
N THR A 394 20.55 11.62 37.06
CA THR A 394 19.72 11.12 38.16
C THR A 394 20.07 11.81 39.48
N THR A 395 21.37 11.96 39.76
CA THR A 395 21.80 12.53 41.02
C THR A 395 21.43 14.02 41.11
N GLN A 396 21.66 14.75 40.03
CA GLN A 396 21.36 16.19 39.99
C GLN A 396 19.87 16.49 39.87
N LEU A 397 19.05 15.51 39.46
CA LEU A 397 17.61 15.73 39.41
C LEU A 397 17.09 16.22 40.75
N LYS A 398 17.51 15.58 41.84
CA LYS A 398 17.10 16.02 43.17
C LYS A 398 17.89 17.25 43.61
N ASN A 399 19.13 17.39 43.15
CA ASN A 399 19.95 18.52 43.57
C ASN A 399 19.34 19.84 43.14
N LYS A 400 18.88 19.91 41.88
CA LYS A 400 18.23 21.13 41.41
C LYS A 400 16.84 21.30 42.03
N LYS A 401 16.15 20.20 42.30
CA LYS A 401 14.83 20.27 42.89
C LYS A 401 14.86 20.82 44.31
N VAL A 402 15.87 20.47 45.09
CA VAL A 402 16.00 21.01 46.44
C VAL A 402 16.31 22.50 46.42
N ALA A 403 17.25 22.92 45.58
CA ALA A 403 17.64 24.32 45.50
C ALA A 403 16.52 25.18 44.92
N SER B 26 -12.69 -13.19 29.89
CA SER B 26 -11.93 -13.45 28.68
C SER B 26 -12.84 -13.57 27.46
N LEU B 27 -13.87 -14.41 27.58
CA LEU B 27 -14.81 -14.58 26.48
C LEU B 27 -15.59 -13.30 26.21
N GLN B 28 -15.88 -12.51 27.25
CA GLN B 28 -16.56 -11.24 27.03
C GLN B 28 -15.72 -10.31 26.18
N PHE B 29 -14.40 -10.34 26.35
CA PHE B 29 -13.51 -9.49 25.56
C PHE B 29 -13.20 -10.08 24.19
N THR B 30 -13.52 -11.34 23.94
CA THR B 30 -13.28 -12.00 22.67
C THR B 30 -14.50 -11.93 21.75
N LEU B 31 -15.67 -12.30 22.25
CA LEU B 31 -16.88 -12.13 21.46
C LEU B 31 -17.23 -10.67 21.24
N LEU B 32 -16.80 -9.78 22.14
CA LEU B 32 -16.90 -8.35 21.85
C LEU B 32 -16.10 -8.00 20.61
N THR B 33 -14.87 -8.51 20.51
CA THR B 33 -14.07 -8.28 19.32
C THR B 33 -14.74 -8.86 18.08
N HIS B 34 -15.27 -10.07 18.21
CA HIS B 34 -15.96 -10.70 17.08
C HIS B 34 -17.13 -9.83 16.60
N LEU B 35 -17.96 -9.37 17.53
CA LEU B 35 -19.09 -8.53 17.18
C LEU B 35 -18.62 -7.21 16.58
N LEU B 36 -17.51 -6.66 17.09
CA LEU B 36 -16.95 -5.45 16.51
C LEU B 36 -16.53 -5.66 15.07
N LEU B 37 -16.05 -6.86 14.74
CA LEU B 37 -15.68 -7.15 13.35
C LEU B 37 -16.91 -7.28 12.46
N GLN B 38 -17.98 -7.86 12.99
CA GLN B 38 -19.22 -8.07 12.23
C GLN B 38 -20.23 -7.00 12.58
N ALA B 39 -19.95 -5.77 12.16
CA ALA B 39 -20.84 -4.66 12.44
C ALA B 39 -20.55 -3.53 11.49
N PRO B 40 -21.57 -3.03 10.78
CA PRO B 40 -21.35 -1.88 9.89
C PRO B 40 -21.50 -0.53 10.58
N GLU B 41 -20.40 0.20 10.72
CA GLU B 41 -20.38 1.63 11.07
C GLU B 41 -21.39 1.99 12.17
N GLY B 42 -21.20 1.43 13.36
CA GLY B 42 -22.10 1.73 14.45
C GLY B 42 -21.44 1.62 15.80
N SER B 43 -22.17 2.06 16.82
CA SER B 43 -21.73 1.83 18.20
C SER B 43 -22.10 0.42 18.63
N LEU B 44 -21.32 -0.14 19.55
CA LEU B 44 -21.41 -1.55 19.88
C LEU B 44 -21.20 -1.77 21.37
N CYS B 45 -21.69 -2.90 21.85
CA CYS B 45 -21.54 -3.32 23.24
C CYS B 45 -21.94 -4.77 23.36
N SER B 46 -21.44 -5.42 24.41
CA SER B 46 -21.79 -6.82 24.67
C SER B 46 -21.38 -7.17 26.09
N LEU B 47 -22.35 -7.70 26.84
CA LEU B 47 -22.12 -8.16 28.20
C LEU B 47 -22.44 -9.65 28.28
N GLU B 48 -22.43 -10.20 29.48
CA GLU B 48 -22.72 -11.61 29.68
C GLU B 48 -24.18 -11.92 29.40
N ALA B 80 -34.13 -12.76 36.07
CA ALA B 80 -32.74 -12.81 36.50
C ALA B 80 -32.17 -11.40 36.67
N LYS B 81 -31.41 -11.20 37.75
CA LYS B 81 -30.82 -9.90 38.00
C LYS B 81 -29.78 -9.55 36.92
N SER B 82 -28.99 -10.54 36.51
CA SER B 82 -27.92 -10.30 35.56
C SER B 82 -28.48 -9.83 34.22
N LEU B 83 -29.53 -10.51 33.73
CA LEU B 83 -30.09 -10.14 32.43
C LEU B 83 -30.65 -8.73 32.46
N TRP B 84 -31.34 -8.36 33.54
CA TRP B 84 -32.03 -7.08 33.59
C TRP B 84 -31.06 -5.93 33.86
N LYS B 85 -30.01 -6.16 34.65
CA LYS B 85 -29.13 -5.04 35.02
C LYS B 85 -28.39 -4.49 33.80
N THR B 86 -27.87 -5.38 32.95
CA THR B 86 -27.12 -4.91 31.78
C THR B 86 -27.98 -4.07 30.85
N LEU B 87 -29.22 -4.52 30.61
CA LEU B 87 -30.09 -3.70 29.78
C LEU B 87 -30.56 -2.45 30.51
N SER B 88 -30.53 -2.44 31.85
CA SER B 88 -30.78 -1.21 32.57
C SER B 88 -29.70 -0.17 32.29
N ASN B 89 -28.43 -0.55 32.42
CA ASN B 89 -27.38 0.38 32.04
C ASN B 89 -27.42 0.70 30.56
N TRP B 90 -27.87 -0.24 29.72
CA TRP B 90 -27.98 0.06 28.31
C TRP B 90 -29.03 1.14 28.05
N ILE B 91 -30.18 1.08 28.72
CA ILE B 91 -31.19 2.10 28.54
C ILE B 91 -30.75 3.44 29.13
N ASP B 92 -30.04 3.41 30.27
CA ASP B 92 -29.50 4.65 30.83
C ASP B 92 -28.47 5.28 29.89
N LEU B 93 -27.62 4.46 29.28
CA LEU B 93 -26.60 4.97 28.37
C LEU B 93 -27.23 5.47 27.08
N ALA B 94 -28.31 4.82 26.64
CA ALA B 94 -29.03 5.27 25.45
C ALA B 94 -29.72 6.60 25.72
N THR B 95 -30.27 6.79 26.92
CA THR B 95 -30.89 8.06 27.26
C THR B 95 -29.89 9.21 27.36
N SER B 96 -28.59 8.91 27.35
CA SER B 96 -27.60 9.97 27.29
C SER B 96 -27.76 10.76 26.00
N PRO B 97 -27.50 12.07 26.04
CA PRO B 97 -27.81 12.90 24.85
C PRO B 97 -27.03 12.52 23.60
N ASP B 98 -25.81 12.02 23.75
CA ASP B 98 -24.95 11.83 22.57
C ASP B 98 -25.30 10.54 21.83
N PHE B 99 -25.85 9.55 22.51
CA PHE B 99 -26.08 8.24 21.89
C PHE B 99 -27.17 8.33 20.83
N GLU B 100 -26.98 7.59 19.74
CA GLU B 100 -28.01 7.37 18.72
C GLU B 100 -28.35 5.88 18.74
N VAL B 101 -29.53 5.55 19.25
CA VAL B 101 -29.92 4.15 19.40
C VAL B 101 -30.03 3.45 18.05
N GLU B 102 -30.35 4.20 16.99
CA GLU B 102 -30.52 3.59 15.67
C GLU B 102 -29.22 2.94 15.20
N LYS B 103 -28.09 3.61 15.38
CA LYS B 103 -26.81 3.06 14.95
C LYS B 103 -26.29 2.03 15.96
N ALA B 104 -26.77 2.08 17.20
CA ALA B 104 -26.30 1.16 18.22
C ALA B 104 -26.72 -0.26 17.89
N ILE B 105 -25.88 -1.22 18.30
CA ILE B 105 -26.18 -2.64 18.16
C ILE B 105 -25.56 -3.34 19.36
N PHE B 106 -26.40 -3.91 20.22
CA PHE B 106 -25.95 -4.53 21.46
C PHE B 106 -25.86 -6.04 21.29
N GLU B 107 -25.52 -6.75 22.36
CA GLU B 107 -25.45 -8.20 22.34
C GLU B 107 -25.51 -8.68 23.79
N LEU B 108 -26.15 -9.82 23.98
CA LEU B 108 -26.21 -10.46 25.29
C LEU B 108 -25.88 -11.94 25.17
N TYR B 109 -24.76 -12.24 24.51
CA TYR B 109 -24.29 -13.61 24.36
C TYR B 109 -24.38 -14.37 25.68
N VAL B 110 -24.89 -15.60 25.61
CA VAL B 110 -24.98 -16.45 26.78
C VAL B 110 -24.00 -17.61 26.68
N SER B 117 -38.31 -16.94 27.15
CA SER B 117 -39.33 -16.55 26.18
C SER B 117 -39.27 -15.05 25.89
N ILE B 118 -39.07 -14.26 26.96
CA ILE B 118 -38.99 -12.81 26.81
C ILE B 118 -37.78 -12.41 25.99
N VAL B 119 -36.63 -13.04 26.25
CA VAL B 119 -35.43 -12.77 25.46
C VAL B 119 -35.64 -13.21 24.02
N LYS B 120 -36.30 -14.35 23.83
CA LYS B 120 -36.60 -14.82 22.48
C LYS B 120 -37.47 -13.82 21.73
N LYS B 121 -38.45 -13.22 22.42
CA LYS B 121 -39.25 -12.18 21.80
C LYS B 121 -38.41 -10.95 21.47
N PHE B 122 -37.52 -10.56 22.38
CA PHE B 122 -36.62 -9.44 22.13
C PHE B 122 -35.83 -9.66 20.85
N ASN B 123 -35.33 -10.88 20.66
CA ASN B 123 -34.74 -11.22 19.37
C ASN B 123 -35.76 -11.14 18.24
N GLU B 124 -36.95 -11.74 18.43
CA GLU B 124 -37.90 -11.93 17.34
C GLU B 124 -38.51 -10.64 16.84
N ALA B 125 -38.36 -9.54 17.57
CA ALA B 125 -39.02 -8.33 17.12
C ALA B 125 -38.52 -7.79 15.78
N LYS B 126 -37.33 -7.18 15.81
CA LYS B 126 -36.78 -6.54 14.58
C LYS B 126 -37.80 -5.50 14.09
N THR B 127 -38.71 -5.04 14.95
CA THR B 127 -39.75 -4.13 14.45
C THR B 127 -40.41 -3.37 15.60
N PRO B 128 -40.62 -2.06 15.45
CA PRO B 128 -41.21 -1.28 16.55
C PRO B 128 -42.56 -1.81 17.03
N GLU B 129 -43.44 -2.25 16.12
CA GLU B 129 -44.70 -2.84 16.58
C GLU B 129 -44.47 -4.18 17.27
N ASP B 130 -43.59 -5.02 16.70
CA ASP B 130 -43.25 -6.26 17.36
C ASP B 130 -42.48 -6.02 18.65
N ALA B 131 -41.66 -4.97 18.69
CA ALA B 131 -40.99 -4.60 19.94
C ALA B 131 -42.00 -4.20 21.00
N GLN B 132 -43.03 -3.44 20.61
CA GLN B 132 -44.08 -3.05 21.54
C GLN B 132 -44.82 -4.30 22.04
N GLU B 133 -45.09 -5.24 21.13
CA GLU B 133 -45.76 -6.48 21.53
C GLU B 133 -44.90 -7.28 22.51
N ALA B 134 -43.59 -7.36 22.25
CA ALA B 134 -42.70 -8.10 23.15
C ALA B 134 -42.63 -7.43 24.52
N ILE B 135 -42.56 -6.10 24.54
CA ILE B 135 -42.53 -5.39 25.83
C ILE B 135 -43.86 -5.54 26.56
N THR B 136 -44.97 -5.63 25.81
CA THR B 136 -46.26 -5.89 26.42
C THR B 136 -46.29 -7.27 27.06
N HIS B 137 -45.78 -8.28 26.36
CA HIS B 137 -45.66 -9.61 26.94
C HIS B 137 -44.81 -9.55 28.21
N ALA B 138 -43.71 -8.80 28.16
CA ALA B 138 -42.82 -8.70 29.31
C ALA B 138 -43.52 -8.09 30.52
N ARG B 139 -44.22 -6.96 30.33
CA ARG B 139 -44.85 -6.33 31.48
C ARG B 139 -46.01 -7.17 31.98
N THR B 140 -46.74 -7.83 31.09
CA THR B 140 -47.81 -8.70 31.52
C THR B 140 -47.28 -9.86 32.35
N GLU B 141 -46.13 -10.42 31.96
CA GLU B 141 -45.56 -11.54 32.69
C GLU B 141 -44.99 -11.12 34.03
N LEU B 142 -44.34 -9.95 34.09
CA LEU B 142 -43.56 -9.60 35.28
C LEU B 142 -44.28 -8.68 36.25
N TRP B 143 -45.22 -7.86 35.80
CA TRP B 143 -45.91 -6.93 36.67
C TRP B 143 -47.36 -7.32 36.93
N GLY B 144 -47.77 -8.52 36.51
CA GLY B 144 -49.13 -8.95 36.75
C GLY B 144 -50.14 -8.10 36.02
N ASP B 145 -51.30 -7.91 36.65
CA ASP B 145 -52.34 -7.09 36.06
C ASP B 145 -51.92 -5.63 36.01
N SER B 146 -52.23 -4.97 34.90
CA SER B 146 -51.84 -3.57 34.73
C SER B 146 -52.46 -2.64 35.75
N PRO B 147 -53.77 -2.65 36.03
CA PRO B 147 -54.33 -1.67 36.98
C PRO B 147 -53.75 -1.77 38.38
N HIS B 148 -53.42 -2.97 38.84
CA HIS B 148 -53.01 -3.16 40.23
C HIS B 148 -51.51 -3.39 40.40
N PHE B 149 -50.86 -4.02 39.41
CA PHE B 149 -49.43 -4.36 39.49
C PHE B 149 -49.15 -5.18 40.75
N THR B 150 -49.91 -6.26 40.93
CA THR B 150 -49.75 -7.09 42.12
C THR B 150 -48.42 -7.83 42.13
N LEU B 151 -47.82 -8.06 40.96
CA LEU B 151 -46.59 -8.82 40.87
C LEU B 151 -45.36 -7.98 41.22
N LYS B 152 -45.53 -6.74 41.67
CA LYS B 152 -44.38 -5.93 42.07
C LYS B 152 -43.66 -6.56 43.26
N ASP B 153 -44.41 -7.11 44.21
CA ASP B 153 -43.83 -7.72 45.40
C ASP B 153 -43.15 -9.04 45.07
N SER B 156 -38.57 -9.28 44.38
CA SER B 156 -37.19 -8.95 44.69
C SER B 156 -36.88 -7.51 44.32
N LYS B 157 -36.52 -6.71 45.33
CA LYS B 157 -36.39 -5.27 45.13
C LYS B 157 -35.17 -4.92 44.29
N GLU B 158 -34.08 -5.69 44.41
CA GLU B 158 -32.86 -5.37 43.70
C GLU B 158 -33.09 -5.32 42.20
N ILE B 159 -33.67 -6.39 41.64
CA ILE B 159 -34.02 -6.39 40.23
C ILE B 159 -35.15 -5.40 39.97
N SER B 160 -36.08 -5.27 40.92
CA SER B 160 -37.26 -4.43 40.73
C SER B 160 -36.88 -2.98 40.44
N LYS B 161 -35.78 -2.51 41.04
CA LYS B 161 -35.34 -1.15 40.75
C LYS B 161 -34.96 -0.99 39.28
N TYR B 162 -34.23 -1.96 38.74
CA TYR B 162 -33.88 -1.93 37.32
C TYR B 162 -35.12 -2.02 36.45
N VAL B 163 -36.08 -2.87 36.84
CA VAL B 163 -37.32 -2.97 36.08
C VAL B 163 -38.07 -1.64 36.09
N GLU B 164 -38.05 -0.93 37.22
CA GLU B 164 -38.67 0.39 37.29
C GLU B 164 -37.96 1.37 36.36
N LYS B 165 -36.63 1.32 36.32
CA LYS B 165 -35.90 2.19 35.40
C LYS B 165 -36.25 1.88 33.96
N VAL B 166 -36.41 0.60 33.63
CA VAL B 166 -36.57 0.20 32.23
C VAL B 166 -37.99 0.44 31.76
N PHE B 167 -38.97 -0.16 32.42
CA PHE B 167 -40.34 -0.16 31.91
C PHE B 167 -40.97 1.23 31.97
N THR B 168 -40.50 2.10 32.86
CA THR B 168 -41.01 3.46 32.95
C THR B 168 -40.20 4.46 32.15
N ALA B 169 -39.22 4.01 31.39
CA ALA B 169 -38.37 4.91 30.60
C ALA B 169 -39.09 5.30 29.31
N ASP B 170 -38.36 5.95 28.41
CA ASP B 170 -38.94 6.38 27.14
C ASP B 170 -39.42 5.18 26.34
N GLN B 171 -40.71 5.18 25.97
CA GLN B 171 -41.25 4.07 25.22
C GLN B 171 -40.63 3.97 23.82
N ASN B 172 -40.43 5.11 23.16
CA ASN B 172 -39.82 5.09 21.84
C ASN B 172 -38.39 4.59 21.89
N LEU B 173 -37.61 5.07 22.86
CA LEU B 173 -36.20 4.69 22.96
C LEU B 173 -36.06 3.21 23.29
N LEU B 174 -36.83 2.71 24.26
CA LEU B 174 -36.79 1.30 24.59
C LEU B 174 -37.30 0.44 23.44
N GLN B 175 -38.32 0.92 22.72
CA GLN B 175 -38.84 0.20 21.57
C GLN B 175 -37.79 0.05 20.49
N ARG B 176 -37.01 1.11 20.24
CA ARG B 176 -35.91 1.00 19.30
C ARG B 176 -34.78 0.13 19.85
N LEU B 177 -34.57 0.17 21.17
CA LEU B 177 -33.51 -0.64 21.79
C LEU B 177 -33.76 -2.12 21.62
N ILE B 178 -35.00 -2.56 21.84
CA ILE B 178 -35.31 -3.98 21.79
C ILE B 178 -35.06 -4.55 20.39
N CYS B 179 -35.20 -3.72 19.36
CA CYS B 179 -34.94 -4.19 18.00
C CYS B 179 -33.48 -4.60 17.83
N ASN B 180 -32.54 -3.81 18.37
CA ASN B 180 -31.12 -4.08 18.22
C ASN B 180 -30.60 -5.10 19.24
N PHE B 181 -31.45 -5.60 20.13
CA PHE B 181 -31.03 -6.54 21.16
C PHE B 181 -30.80 -7.93 20.58
N GLN B 182 -29.67 -8.14 19.91
CA GLN B 182 -29.34 -9.45 19.38
C GLN B 182 -28.77 -10.33 20.47
N LEU B 183 -28.96 -11.64 20.33
CA LEU B 183 -28.41 -12.60 21.27
C LEU B 183 -27.39 -13.51 20.58
N THR B 184 -26.77 -14.39 21.37
CA THR B 184 -25.79 -15.33 20.85
C THR B 184 -25.65 -16.52 21.79
N PRO B 190 -15.37 -19.84 20.70
CA PRO B 190 -15.51 -18.39 20.50
C PRO B 190 -14.24 -17.74 19.96
N GLN B 191 -13.14 -18.51 19.96
CA GLN B 191 -11.89 -17.99 19.44
C GLN B 191 -11.62 -18.47 18.02
N ALA B 192 -11.99 -19.71 17.70
CA ALA B 192 -11.76 -20.25 16.37
C ALA B 192 -12.55 -19.49 15.32
N ASP B 193 -13.82 -19.19 15.61
CA ASP B 193 -14.62 -18.41 14.67
C ASP B 193 -14.12 -16.99 14.51
N LEU B 194 -13.62 -16.38 15.59
CA LEU B 194 -12.99 -15.06 15.48
C LEU B 194 -11.77 -15.12 14.58
N GLU B 195 -10.93 -16.14 14.75
CA GLU B 195 -9.75 -16.29 13.90
C GLU B 195 -10.15 -16.50 12.44
N ALA B 196 -11.20 -17.30 12.20
CA ALA B 196 -11.68 -17.50 10.85
C ALA B 196 -12.20 -16.22 10.23
N CYS B 197 -12.92 -15.42 11.02
CA CYS B 197 -13.42 -14.13 10.52
C CYS B 197 -12.29 -13.20 10.15
N VAL B 198 -11.23 -13.16 10.97
CA VAL B 198 -10.08 -12.34 10.62
C VAL B 198 -9.38 -12.90 9.39
N ARG B 199 -9.34 -14.23 9.25
CA ARG B 199 -8.70 -14.85 8.11
C ARG B 199 -9.44 -14.56 6.81
N SER B 200 -10.76 -14.40 6.88
CA SER B 200 -11.55 -14.09 5.70
C SER B 200 -11.26 -12.69 5.16
N HIS B 201 -10.61 -11.85 5.94
CA HIS B 201 -10.25 -10.50 5.50
C HIS B 201 -9.00 -10.54 4.64
N PRO B 202 -8.76 -9.49 3.84
CA PRO B 202 -7.55 -9.48 3.00
C PRO B 202 -6.26 -9.31 3.80
N VAL B 203 -5.91 -10.32 4.60
CA VAL B 203 -4.68 -10.32 5.36
C VAL B 203 -3.98 -11.66 5.14
N SER B 204 -2.67 -11.67 5.31
CA SER B 204 -1.91 -12.89 5.13
C SER B 204 -2.35 -13.93 6.15
N PRO B 205 -2.51 -15.20 5.75
CA PRO B 205 -2.94 -16.22 6.70
C PRO B 205 -1.97 -16.45 7.84
N SER B 206 -0.70 -16.09 7.68
CA SER B 206 0.26 -16.28 8.75
C SER B 206 0.09 -15.26 9.87
N LYS B 207 -0.39 -14.06 9.54
CA LYS B 207 -0.51 -12.97 10.50
C LYS B 207 -1.83 -12.97 11.25
N VAL B 208 -2.73 -13.91 10.98
CA VAL B 208 -4.07 -13.83 11.54
C VAL B 208 -4.04 -13.99 13.06
N SER B 209 -3.21 -14.87 13.59
CA SER B 209 -3.14 -15.05 15.04
C SER B 209 -2.61 -13.79 15.72
N ASP B 210 -1.60 -13.14 15.14
CA ASP B 210 -1.07 -11.92 15.72
C ASP B 210 -2.13 -10.82 15.75
N ILE B 211 -2.88 -10.66 14.66
CA ILE B 211 -3.91 -9.63 14.60
C ILE B 211 -5.02 -9.94 15.60
N THR B 212 -5.44 -11.20 15.70
CA THR B 212 -6.46 -11.56 16.66
C THR B 212 -6.02 -11.26 18.09
N ASN B 213 -4.80 -11.65 18.44
CA ASN B 213 -4.31 -11.40 19.79
C ASN B 213 -4.20 -9.90 20.07
N TYR B 214 -3.68 -9.13 19.12
CA TYR B 214 -3.56 -7.69 19.32
C TYR B 214 -4.92 -7.05 19.50
N LEU B 215 -5.90 -7.44 18.68
CA LEU B 215 -7.23 -6.85 18.78
C LEU B 215 -7.89 -7.18 20.10
N CYS B 216 -7.82 -8.45 20.53
CA CYS B 216 -8.41 -8.82 21.81
C CYS B 216 -7.74 -8.06 22.95
N GLY B 217 -6.41 -7.95 22.92
CA GLY B 217 -5.73 -7.20 23.96
C GLY B 217 -6.14 -5.73 23.99
N LYS B 218 -6.21 -5.10 22.82
CA LYS B 218 -6.56 -3.68 22.78
C LYS B 218 -8.00 -3.45 23.21
N VAL B 219 -8.92 -4.34 22.83
CA VAL B 219 -10.31 -4.21 23.25
C VAL B 219 -10.42 -4.37 24.76
N LYS B 220 -9.71 -5.35 25.33
CA LYS B 220 -9.69 -5.50 26.78
C LYS B 220 -9.16 -4.25 27.46
N ARG B 221 -8.06 -3.69 26.93
CA ARG B 221 -7.49 -2.49 27.51
C ARG B 221 -8.45 -1.31 27.43
N HIS B 222 -9.14 -1.15 26.31
CA HIS B 222 -10.06 -0.03 26.15
C HIS B 222 -11.32 -0.18 27.01
N ILE B 223 -11.80 -1.42 27.20
CA ILE B 223 -12.96 -1.64 28.05
C ILE B 223 -12.60 -1.43 29.51
N ASP B 224 -11.41 -1.87 29.93
CA ASP B 224 -11.02 -1.74 31.32
C ASP B 224 -10.85 -0.27 31.72
N MET B 225 -10.30 0.55 30.82
CA MET B 225 -10.10 1.95 31.14
C MET B 225 -11.43 2.70 31.24
N LEU B 226 -12.45 2.26 30.52
CA LEU B 226 -13.78 2.84 30.69
C LEU B 226 -14.44 2.33 31.95
N LEU B 227 -14.25 1.05 32.27
CA LEU B 227 -14.85 0.48 33.48
C LEU B 227 -14.30 1.12 34.74
N GLU B 228 -12.99 1.38 34.77
CA GLU B 228 -12.38 2.01 35.94
C GLU B 228 -12.82 3.46 36.11
N ALA B 229 -13.29 4.11 35.05
CA ALA B 229 -13.65 5.52 35.08
C ALA B 229 -15.15 5.74 35.25
N GLU B 230 -15.90 4.68 35.56
CA GLU B 230 -17.36 4.76 35.73
C GLU B 230 -18.02 5.37 34.48
N LYS B 231 -17.77 4.72 33.35
CA LYS B 231 -18.31 5.13 32.07
C LYS B 231 -18.93 3.91 31.40
N PRO B 232 -20.00 4.09 30.61
CA PRO B 232 -20.64 2.94 29.98
C PRO B 232 -19.69 2.20 29.05
N ALA B 233 -19.82 0.88 29.02
CA ALA B 233 -18.94 0.01 28.23
C ALA B 233 -19.46 -0.04 26.80
N VAL B 234 -18.96 0.85 25.95
CA VAL B 234 -19.37 0.92 24.56
C VAL B 234 -18.13 1.10 23.69
N ILE B 235 -18.05 0.36 22.61
CA ILE B 235 -16.96 0.46 21.64
C ILE B 235 -17.58 0.77 20.27
N ALA B 236 -17.12 1.84 19.64
CA ALA B 236 -17.58 2.17 18.30
C ALA B 236 -16.83 1.32 17.28
N ARG B 237 -17.56 0.79 16.30
CA ARG B 237 -16.91 -0.02 15.28
C ARG B 237 -15.92 0.81 14.46
N ASP B 238 -16.27 2.06 14.16
CA ASP B 238 -15.34 2.94 13.48
C ASP B 238 -14.15 3.29 14.35
N ASP B 239 -14.25 3.09 15.67
CA ASP B 239 -13.11 3.21 16.57
C ASP B 239 -12.34 1.91 16.70
N PHE B 240 -12.94 0.78 16.31
CA PHE B 240 -12.24 -0.50 16.31
C PHE B 240 -11.43 -0.67 15.03
N TYR B 241 -11.99 -0.25 13.90
CA TYR B 241 -11.26 -0.43 12.65
C TYR B 241 -10.12 0.56 12.51
N THR B 242 -10.20 1.74 13.15
CA THR B 242 -9.03 2.61 13.09
C THR B 242 -7.85 2.00 13.85
N TRP B 243 -8.10 1.05 14.75
CA TRP B 243 -7.03 0.26 15.33
C TRP B 243 -6.60 -0.86 14.40
N TYR B 244 -7.58 -1.62 13.90
CA TYR B 244 -7.26 -2.87 13.20
C TYR B 244 -6.68 -2.61 11.81
N LYS B 245 -7.23 -1.66 11.08
CA LYS B 245 -6.66 -1.25 9.79
C LYS B 245 -5.25 -0.72 9.96
N ALA B 246 -5.01 0.09 11.00
CA ALA B 246 -3.68 0.63 11.26
C ALA B 246 -2.69 -0.45 11.66
N TYR B 247 -3.11 -1.43 12.44
CA TYR B 247 -2.25 -2.56 12.76
C TYR B 247 -1.90 -3.36 11.52
N VAL B 248 -2.87 -3.57 10.63
CA VAL B 248 -2.62 -4.31 9.41
C VAL B 248 -1.52 -3.66 8.59
N GLN B 249 -1.52 -2.32 8.52
CA GLN B 249 -0.49 -1.62 7.76
C GLN B 249 0.91 -1.95 8.29
N LYS B 250 1.05 -2.13 9.60
CA LYS B 250 2.34 -2.50 10.16
C LYS B 250 2.66 -3.98 9.91
N ILE B 251 1.70 -4.85 10.16
CA ILE B 251 2.00 -6.28 10.22
C ILE B 251 1.71 -7.00 8.91
N ASP B 252 0.61 -6.68 8.23
CA ASP B 252 0.29 -7.37 6.98
C ASP B 252 1.30 -7.00 5.89
N ARG B 253 1.37 -5.73 5.55
CA ARG B 253 2.41 -5.26 4.65
C ARG B 253 3.77 -5.56 5.26
N GLN B 254 4.68 -6.11 4.44
CA GLN B 254 5.88 -6.75 4.95
C GLN B 254 6.85 -5.81 5.65
N MET B 255 6.71 -4.49 5.47
CA MET B 255 7.78 -3.55 5.82
C MET B 255 8.26 -3.65 7.26
N VAL B 256 7.53 -4.32 8.16
CA VAL B 256 7.92 -4.40 9.57
C VAL B 256 7.88 -5.86 10.03
N LEU B 257 8.92 -6.27 10.76
CA LEU B 257 8.95 -7.58 11.41
C LEU B 257 8.34 -7.47 12.81
N SER B 258 7.53 -8.45 13.16
CA SER B 258 6.93 -8.53 14.49
C SER B 258 7.56 -9.69 15.25
N SER B 259 8.12 -9.39 16.42
CA SER B 259 8.74 -10.42 17.23
C SER B 259 7.71 -11.06 18.14
N ARG B 260 7.52 -12.36 17.99
CA ARG B 260 6.69 -13.14 18.90
C ARG B 260 7.47 -13.67 20.08
N ALA B 261 8.77 -13.38 20.15
CA ALA B 261 9.60 -13.84 21.25
C ALA B 261 9.26 -13.08 22.53
N GLN B 262 9.40 -13.78 23.65
CA GLN B 262 9.14 -13.21 24.97
C GLN B 262 10.44 -13.04 25.73
N ALA B 263 10.47 -12.04 26.60
CA ALA B 263 11.63 -11.82 27.45
C ALA B 263 11.79 -12.98 28.41
N PRO B 264 12.97 -13.57 28.52
CA PRO B 264 13.15 -14.71 29.44
C PRO B 264 13.05 -14.27 30.89
N VAL B 265 12.60 -15.21 31.72
CA VAL B 265 12.58 -14.94 33.16
C VAL B 265 14.01 -14.91 33.69
N LYS B 266 14.16 -14.34 34.89
CA LYS B 266 15.49 -14.17 35.47
C LYS B 266 16.17 -15.51 35.73
N GLU B 267 15.41 -16.49 36.25
CA GLU B 267 16.00 -17.76 36.65
C GLU B 267 16.59 -18.51 35.45
N LYS B 268 15.86 -18.54 34.34
CA LYS B 268 16.34 -19.26 33.17
C LYS B 268 17.54 -18.58 32.52
N ALA B 269 17.73 -17.29 32.78
CA ALA B 269 18.85 -16.57 32.18
C ALA B 269 20.19 -17.09 32.68
N GLN B 270 20.29 -17.40 33.98
CA GLN B 270 21.55 -17.85 34.54
C GLN B 270 21.99 -19.21 34.00
N GLU B 271 21.09 -19.95 33.37
CA GLU B 271 21.47 -21.20 32.73
C GLU B 271 22.41 -20.97 31.55
N TYR B 272 22.41 -19.78 30.97
CA TYR B 272 23.28 -19.44 29.86
C TYR B 272 24.55 -18.73 30.30
N LEU B 273 24.77 -18.59 31.61
CA LEU B 273 26.00 -17.98 32.10
C LEU B 273 27.26 -18.71 31.65
N PRO B 274 27.34 -20.05 31.71
CA PRO B 274 28.56 -20.71 31.21
C PRO B 274 28.74 -20.64 29.71
N ASP B 275 27.80 -20.05 28.97
CA ASP B 275 27.94 -19.97 27.52
C ASP B 275 29.07 -19.02 27.14
N LYS B 276 29.52 -19.17 25.90
CA LYS B 276 30.77 -18.53 25.48
C LYS B 276 30.61 -17.02 25.29
N PHE B 277 29.44 -16.55 24.84
CA PHE B 277 29.26 -15.11 24.70
C PHE B 277 29.21 -14.41 26.06
N VAL B 278 28.61 -15.06 27.06
CA VAL B 278 28.64 -14.51 28.41
C VAL B 278 30.08 -14.44 28.92
N GLN B 279 30.87 -15.47 28.62
CA GLN B 279 32.29 -15.45 28.99
C GLN B 279 33.00 -14.30 28.29
N GLN B 280 32.70 -14.06 27.02
CA GLN B 280 33.28 -12.93 26.32
C GLN B 280 32.95 -11.62 27.02
N LEU B 281 31.67 -11.39 27.31
CA LEU B 281 31.27 -10.12 27.91
C LEU B 281 31.85 -9.95 29.31
N GLU B 282 31.97 -11.04 30.07
CA GLU B 282 32.59 -10.95 31.38
C GLU B 282 34.09 -10.70 31.27
N ILE B 283 34.72 -11.22 30.20
CA ILE B 283 36.11 -10.85 29.92
C ILE B 283 36.22 -9.35 29.68
N ILE B 284 35.28 -8.80 28.91
CA ILE B 284 35.22 -7.35 28.75
C ILE B 284 34.78 -6.66 30.04
N GLY B 285 34.31 -7.41 31.03
CA GLY B 285 33.95 -6.85 32.31
C GLY B 285 32.75 -5.92 32.31
N LEU B 286 31.68 -6.30 31.61
CA LEU B 286 30.48 -5.50 31.62
C LEU B 286 29.74 -5.63 32.96
N PRO B 287 28.94 -4.64 33.32
CA PRO B 287 28.13 -4.76 34.55
C PRO B 287 27.17 -5.94 34.48
N TYR B 288 26.70 -6.37 35.64
CA TYR B 288 25.89 -7.57 35.74
C TYR B 288 24.53 -7.41 35.06
N GLU B 289 24.04 -6.18 34.94
CA GLU B 289 22.79 -5.96 34.22
C GLU B 289 22.99 -6.03 32.71
N GLU B 290 24.15 -5.61 32.22
CA GLU B 290 24.42 -5.67 30.80
C GLU B 290 24.43 -7.10 30.30
N ILE B 291 25.02 -8.03 31.06
CA ILE B 291 25.08 -9.42 30.63
C ILE B 291 23.68 -10.04 30.66
N LEU B 292 22.85 -9.65 31.64
CA LEU B 292 21.48 -10.15 31.67
C LEU B 292 20.69 -9.66 30.45
N GLY B 293 20.82 -8.38 30.12
CA GLY B 293 20.20 -7.88 28.90
C GLY B 293 20.72 -8.56 27.66
N ALA B 294 22.02 -8.86 27.65
CA ALA B 294 22.61 -9.58 26.52
C ALA B 294 22.02 -10.98 26.38
N ILE B 295 21.84 -11.67 27.50
CA ILE B 295 21.25 -13.01 27.46
C ILE B 295 19.81 -12.94 26.98
N SER B 296 19.06 -11.93 27.44
CA SER B 296 17.68 -11.76 26.97
C SER B 296 17.65 -11.53 25.46
N ASP B 297 18.55 -10.67 24.96
CA ASP B 297 18.64 -10.44 23.52
C ASP B 297 19.00 -11.73 22.80
N TYR B 298 19.94 -12.50 23.35
CA TYR B 298 20.28 -13.81 22.79
C TYR B 298 19.06 -14.69 22.62
N LEU B 299 18.34 -14.93 23.71
CA LEU B 299 17.23 -15.89 23.65
C LEU B 299 16.12 -15.38 22.73
N MET B 300 15.80 -14.09 22.82
CA MET B 300 14.74 -13.54 21.99
C MET B 300 15.10 -13.58 20.51
N ALA B 301 16.35 -13.26 20.18
CA ALA B 301 16.76 -13.29 18.78
C ALA B 301 16.82 -14.72 18.25
N SER B 302 17.24 -15.68 19.09
CA SER B 302 17.24 -17.07 18.64
C SER B 302 15.82 -17.56 18.38
N PHE B 303 14.89 -17.21 19.28
CA PHE B 303 13.49 -17.53 19.05
C PHE B 303 12.98 -16.89 17.75
N ASP B 304 13.38 -15.66 17.49
CA ASP B 304 12.94 -14.97 16.28
C ASP B 304 13.54 -15.63 15.03
N ARG B 305 14.80 -16.03 15.10
CA ARG B 305 15.42 -16.78 14.01
C ARG B 305 14.63 -18.04 13.70
N THR B 306 14.25 -18.78 14.75
CA THR B 306 13.45 -19.99 14.55
C THR B 306 12.11 -19.66 13.92
N ASP B 307 11.37 -18.72 14.50
CA ASP B 307 9.98 -18.52 14.12
C ASP B 307 9.84 -17.86 12.76
N TRP B 308 10.71 -16.88 12.44
CA TRP B 308 10.60 -16.19 11.17
C TRP B 308 10.81 -17.15 10.00
N ALA B 309 11.79 -18.04 10.12
CA ALA B 309 12.00 -19.04 9.06
C ALA B 309 10.93 -20.12 9.10
N ALA B 310 10.41 -20.42 10.29
CA ALA B 310 9.40 -21.48 10.41
C ALA B 310 8.14 -21.12 9.63
N ARG B 311 7.69 -19.88 9.74
CA ARG B 311 6.46 -19.44 9.08
C ARG B 311 6.71 -18.84 7.70
N GLY B 312 7.95 -18.88 7.21
CA GLY B 312 8.23 -18.36 5.90
C GLY B 312 8.27 -16.85 5.80
N GLU B 313 8.24 -16.14 6.93
CA GLU B 313 8.29 -14.68 6.88
C GLU B 313 9.66 -14.19 6.44
N VAL B 314 10.69 -15.01 6.59
CA VAL B 314 12.04 -14.66 6.19
C VAL B 314 12.66 -15.85 5.47
N ASP B 315 13.71 -15.58 4.70
CA ASP B 315 14.42 -16.61 3.96
C ASP B 315 15.78 -16.89 4.60
N GLU B 316 16.31 -18.08 4.33
CA GLU B 316 17.62 -18.44 4.88
C GLU B 316 18.73 -17.60 4.24
N THR B 317 18.62 -17.33 2.94
CA THR B 317 19.62 -16.51 2.28
C THR B 317 19.65 -15.10 2.84
N SER B 318 18.50 -14.58 3.28
CA SER B 318 18.48 -13.28 3.95
C SER B 318 19.24 -13.31 5.25
N PHE B 319 19.09 -14.39 6.03
CA PHE B 319 19.87 -14.55 7.25
C PHE B 319 21.36 -14.62 6.92
N ASP B 320 21.72 -15.34 5.85
CA ASP B 320 23.12 -15.41 5.45
C ASP B 320 23.67 -14.03 5.08
N ASP B 321 22.89 -13.26 4.32
CA ASP B 321 23.33 -11.92 3.93
C ASP B 321 23.46 -11.02 5.15
N LEU B 322 22.52 -11.10 6.08
CA LEU B 322 22.59 -10.31 7.30
C LEU B 322 23.83 -10.66 8.11
N ASP B 323 24.12 -11.95 8.24
CA ASP B 323 25.32 -12.36 8.97
C ASP B 323 26.59 -11.91 8.25
N THR B 324 26.58 -11.95 6.92
CA THR B 324 27.74 -11.46 6.16
C THR B 324 27.97 -9.98 6.40
N ALA B 325 26.90 -9.18 6.36
CA ALA B 325 27.02 -7.75 6.61
C ALA B 325 27.49 -7.47 8.03
N LEU B 326 26.96 -8.23 9.00
CA LEU B 326 27.38 -8.05 10.39
C LEU B 326 28.85 -8.41 10.59
N GLN B 327 29.29 -9.51 9.96
CA GLN B 327 30.70 -9.90 10.05
C GLN B 327 31.59 -8.84 9.42
N ARG B 328 31.17 -8.29 8.27
CA ARG B 328 31.93 -7.21 7.65
C ARG B 328 31.98 -5.99 8.55
N THR B 329 30.88 -5.67 9.23
CA THR B 329 30.87 -4.55 10.17
C THR B 329 31.86 -4.79 11.30
N TRP B 330 31.87 -6.00 11.87
CA TRP B 330 32.85 -6.32 12.89
C TRP B 330 34.26 -6.06 12.39
N LYS B 331 34.56 -6.49 11.17
CA LYS B 331 35.91 -6.38 10.63
C LYS B 331 36.38 -4.94 10.60
N ASN B 332 35.52 -4.03 10.16
CA ASN B 332 35.90 -2.61 10.12
C ASN B 332 35.98 -2.04 11.54
N LYS B 333 34.95 -2.30 12.35
CA LYS B 333 34.84 -1.63 13.64
C LYS B 333 35.96 -2.04 14.59
N GLN B 334 36.30 -3.33 14.64
CA GLN B 334 37.34 -3.78 15.55
C GLN B 334 38.68 -3.14 15.21
N ARG B 335 39.04 -3.14 13.92
CA ARG B 335 40.30 -2.54 13.54
C ARG B 335 40.31 -1.04 13.82
N ILE B 336 39.21 -0.35 13.49
CA ILE B 336 39.18 1.10 13.70
C ILE B 336 39.30 1.43 15.18
N CYS B 337 38.55 0.71 16.03
CA CYS B 337 38.62 0.95 17.47
C CYS B 337 40.00 0.62 18.01
N GLY B 338 40.60 -0.48 17.54
CA GLY B 338 41.88 -0.90 18.06
C GLY B 338 43.00 0.09 17.74
N LEU B 339 43.04 0.56 16.49
CA LEU B 339 44.15 1.44 16.13
C LEU B 339 43.85 2.90 16.44
N THR B 340 42.59 3.27 16.59
CA THR B 340 42.23 4.63 16.96
C THR B 340 42.25 4.86 18.46
N HIS B 341 41.93 3.83 19.24
CA HIS B 341 41.93 3.91 20.69
C HIS B 341 42.95 2.93 21.28
N SER B 342 44.11 2.80 20.62
CA SER B 342 45.16 1.93 21.12
C SER B 342 45.70 2.43 22.45
N GLU B 343 45.75 3.75 22.63
CA GLU B 343 46.21 4.33 23.89
C GLU B 343 45.32 3.93 25.07
N LYS B 344 44.05 3.66 24.82
CA LYS B 344 43.16 3.17 25.85
C LYS B 344 43.45 1.70 26.12
N SER B 345 43.06 1.25 27.32
CA SER B 345 43.31 -0.14 27.71
C SER B 345 42.49 -1.09 26.85
N GLU B 346 42.98 -2.33 26.76
CA GLU B 346 42.35 -3.30 25.86
C GLU B 346 40.93 -3.64 26.30
N GLN B 347 40.67 -3.64 27.60
CA GLN B 347 39.31 -3.88 28.08
C GLN B 347 38.38 -2.73 27.68
N ASP B 348 38.86 -1.50 27.79
CA ASP B 348 38.08 -0.37 27.30
C ASP B 348 37.92 -0.41 25.79
N GLN B 349 38.92 -0.91 25.07
CA GLN B 349 38.77 -1.12 23.63
C GLN B 349 37.68 -2.13 23.33
N GLY B 350 37.61 -3.21 24.11
CA GLY B 350 36.54 -4.18 23.92
C GLY B 350 35.17 -3.60 24.21
N LYS B 351 35.06 -2.82 25.29
CA LYS B 351 33.79 -2.17 25.59
C LYS B 351 33.39 -1.19 24.49
N LEU B 352 34.35 -0.41 23.99
CA LEU B 352 34.07 0.50 22.89
C LEU B 352 33.59 -0.25 21.66
N LEU B 353 34.26 -1.35 21.31
CA LEU B 353 33.84 -2.14 20.15
C LEU B 353 32.43 -2.67 20.36
N TYR B 354 32.16 -3.23 21.53
CA TYR B 354 30.84 -3.77 21.83
C TYR B 354 29.77 -2.71 21.65
N PHE B 355 29.94 -1.54 22.28
CA PHE B 355 28.91 -0.53 22.23
C PHE B 355 28.83 0.17 20.88
N GLU B 356 29.93 0.18 20.11
CA GLU B 356 29.87 0.80 18.79
C GLU B 356 29.12 -0.08 17.79
N CYS B 357 29.38 -1.38 17.80
CA CYS B 357 28.69 -2.25 16.85
C CYS B 357 27.29 -2.62 17.34
N MET B 358 26.99 -2.42 18.63
CA MET B 358 25.59 -2.54 19.03
C MET B 358 24.73 -1.39 18.52
N GLN B 359 25.35 -0.33 17.99
CA GLN B 359 24.59 0.75 17.36
C GLN B 359 24.16 0.40 15.94
N PHE B 360 24.73 -0.63 15.34
CA PHE B 360 24.43 -0.95 13.95
C PHE B 360 23.01 -1.48 13.81
N ASN B 361 22.28 -0.94 12.83
CA ASN B 361 20.93 -1.40 12.54
C ASN B 361 20.76 -1.39 11.02
N ILE B 362 20.54 -2.58 10.46
CA ILE B 362 20.39 -2.73 9.01
C ILE B 362 19.09 -3.49 8.75
N PRO B 363 18.28 -3.06 7.78
CA PRO B 363 17.05 -3.79 7.48
C PRO B 363 17.33 -5.21 7.01
N LEU B 364 16.47 -6.13 7.44
CA LEU B 364 16.55 -7.54 7.07
C LEU B 364 15.50 -7.80 6.00
N GLN B 365 15.93 -7.90 4.74
CA GLN B 365 15.03 -7.97 3.58
C GLN B 365 14.31 -6.65 3.36
N ALA B 366 15.02 -5.53 3.52
CA ALA B 366 14.42 -4.20 3.44
C ALA B 366 13.21 -4.09 4.35
N MET B 367 13.33 -4.67 5.53
CA MET B 367 12.21 -4.96 6.42
C MET B 367 12.68 -4.76 7.85
N SER B 368 12.14 -3.78 8.54
CA SER B 368 12.71 -3.33 9.82
C SER B 368 12.58 -4.41 10.89
N PRO B 369 13.67 -4.82 11.52
CA PRO B 369 13.59 -5.84 12.56
C PRO B 369 13.34 -5.20 13.93
N PRO B 370 13.08 -5.99 14.96
CA PRO B 370 12.97 -5.44 16.31
C PRO B 370 14.31 -4.87 16.76
N SER B 371 14.22 -3.92 17.70
CA SER B 371 15.42 -3.23 18.18
C SER B 371 16.41 -4.17 18.84
N HIS B 372 15.96 -5.34 19.29
CA HIS B 372 16.84 -6.30 19.95
C HIS B 372 17.44 -7.32 19.00
N PHE B 373 16.99 -7.35 17.74
CA PHE B 373 17.34 -8.47 16.87
C PHE B 373 18.81 -8.41 16.45
N ILE B 374 19.31 -7.22 16.09
CA ILE B 374 20.73 -7.11 15.73
C ILE B 374 21.64 -7.42 16.90
N PRO B 375 21.40 -6.90 18.13
CA PRO B 375 22.22 -7.36 19.26
C PRO B 375 22.15 -8.86 19.49
N GLY B 376 20.99 -9.47 19.32
CA GLY B 376 20.90 -10.92 19.47
C GLY B 376 21.64 -11.68 18.40
N CYS B 377 21.64 -11.16 17.16
CA CYS B 377 22.45 -11.75 16.11
C CYS B 377 23.93 -11.67 16.45
N TYR B 378 24.36 -10.53 16.99
CA TYR B 378 25.74 -10.43 17.44
C TYR B 378 26.03 -11.41 18.58
N HIS B 379 25.06 -11.63 19.45
CA HIS B 379 25.27 -12.57 20.55
C HIS B 379 25.37 -14.01 20.06
N ILE B 380 24.55 -14.39 19.06
CA ILE B 380 24.67 -15.74 18.54
C ILE B 380 25.97 -15.91 17.77
N LEU B 381 26.40 -14.88 17.04
CA LEU B 381 27.72 -14.93 16.42
C LEU B 381 28.84 -15.05 17.45
N ALA B 382 28.69 -14.38 18.61
CA ALA B 382 29.68 -14.50 19.66
C ALA B 382 29.69 -15.88 20.30
N ASP B 383 28.50 -16.49 20.45
CA ASP B 383 28.43 -17.84 21.02
C ASP B 383 29.13 -18.84 20.12
N SER B 384 29.22 -18.56 18.83
CA SER B 384 29.97 -19.39 17.90
C SER B 384 31.36 -18.83 17.61
N LEU B 385 31.80 -17.84 18.38
CA LEU B 385 33.07 -17.16 18.21
C LEU B 385 33.22 -16.47 16.86
N ALA B 386 32.12 -16.32 16.11
CA ALA B 386 32.17 -15.60 14.85
C ALA B 386 32.43 -14.12 15.04
N VAL B 387 32.10 -13.57 16.20
CA VAL B 387 32.42 -12.19 16.55
C VAL B 387 33.00 -12.17 17.95
N GLY B 388 33.74 -11.10 18.24
CA GLY B 388 34.37 -10.94 19.54
C GLY B 388 34.62 -9.48 19.81
N TRP B 389 34.73 -9.15 21.10
CA TRP B 389 34.88 -7.76 21.52
C TRP B 389 36.31 -7.40 21.89
N HIS B 390 37.00 -8.25 22.64
CA HIS B 390 38.37 -7.96 23.00
C HIS B 390 39.28 -8.13 21.78
N PRO B 391 40.32 -7.32 21.64
CA PRO B 391 41.23 -7.48 20.50
C PRO B 391 41.86 -8.85 20.41
N ASN B 392 42.17 -9.47 21.54
CA ASN B 392 42.75 -10.80 21.58
C ASN B 392 41.86 -11.78 22.35
N TYR B 393 40.54 -11.67 22.13
CA TYR B 393 39.58 -12.48 22.87
C TYR B 393 39.79 -13.97 22.63
N THR B 394 40.41 -14.34 21.51
CA THR B 394 40.74 -15.74 21.28
C THR B 394 41.68 -16.28 22.35
N THR B 395 42.67 -15.47 22.75
CA THR B 395 43.55 -15.88 23.83
C THR B 395 42.87 -15.72 25.19
N GLN B 396 42.02 -14.71 25.33
CA GLN B 396 41.36 -14.45 26.61
C GLN B 396 40.42 -15.59 26.99
N LEU B 397 39.66 -16.13 26.03
CA LEU B 397 38.77 -17.24 26.34
C LEU B 397 39.56 -18.46 26.80
N LYS B 398 40.67 -18.76 26.14
CA LYS B 398 41.51 -19.89 26.55
C LYS B 398 42.08 -19.66 27.94
N ASN B 399 42.53 -18.43 28.22
CA ASN B 399 43.10 -18.13 29.53
C ASN B 399 42.05 -18.26 30.63
N LYS B 400 40.83 -17.80 30.37
CA LYS B 400 39.79 -17.85 31.39
C LYS B 400 39.24 -19.26 31.56
N LYS B 401 39.27 -20.09 30.50
CA LYS B 401 38.76 -21.45 30.62
C LYS B 401 39.60 -22.29 31.56
N VAL B 402 40.86 -21.93 31.78
CA VAL B 402 41.70 -22.66 32.72
C VAL B 402 41.44 -22.23 34.16
N ALA B 403 41.28 -20.93 34.39
CA ALA B 403 41.04 -20.41 35.73
C ALA B 403 39.63 -20.76 36.21
N LYS C 13 -24.90 -27.09 -20.77
CA LYS C 13 -25.26 -25.69 -20.93
C LYS C 13 -26.75 -25.52 -21.18
N ARG C 14 -27.42 -24.78 -20.31
CA ARG C 14 -28.84 -24.52 -20.46
C ARG C 14 -29.08 -23.38 -21.46
N LYS C 15 -30.32 -23.29 -21.93
CA LYS C 15 -30.69 -22.18 -22.80
C LYS C 15 -30.87 -20.89 -22.02
N THR C 16 -31.14 -20.97 -20.71
CA THR C 16 -31.38 -19.79 -19.90
C THR C 16 -30.12 -19.01 -19.58
N GLU C 17 -28.95 -19.52 -19.92
CA GLU C 17 -27.68 -18.84 -19.70
C GLU C 17 -27.07 -18.47 -21.03
N VAL C 18 -26.52 -17.27 -21.12
CA VAL C 18 -26.01 -16.76 -22.40
C VAL C 18 -24.59 -16.25 -22.25
N PRO C 19 -23.63 -17.10 -21.89
CA PRO C 19 -22.26 -16.61 -21.69
C PRO C 19 -21.62 -16.06 -22.96
N GLY C 20 -21.92 -16.62 -24.12
CA GLY C 20 -21.24 -16.21 -25.34
C GLY C 20 -21.62 -14.82 -25.83
N GLN C 21 -22.82 -14.38 -25.45
CA GLN C 21 -23.30 -13.06 -25.86
C GLN C 21 -23.05 -11.99 -24.82
N ALA C 22 -22.94 -12.37 -23.54
CA ALA C 22 -22.47 -11.42 -22.53
C ALA C 22 -21.04 -10.98 -22.86
N LEU C 23 -20.26 -11.86 -23.47
CA LEU C 23 -18.94 -11.46 -23.93
C LEU C 23 -19.03 -10.44 -25.05
N GLY C 24 -20.11 -10.46 -25.82
CA GLY C 24 -20.30 -9.44 -26.83
C GLY C 24 -20.39 -8.04 -26.26
N TYR C 25 -20.81 -7.91 -25.00
CA TYR C 25 -20.84 -6.63 -24.32
C TYR C 25 -19.57 -6.38 -23.51
N SER C 26 -18.99 -7.43 -22.92
CA SER C 26 -17.74 -7.27 -22.21
C SER C 26 -16.62 -6.84 -23.16
N LEU C 27 -16.66 -7.34 -24.39
CA LEU C 27 -15.71 -6.92 -25.41
C LEU C 27 -15.84 -5.45 -25.74
N GLN C 28 -17.02 -4.86 -25.55
CA GLN C 28 -17.14 -3.42 -25.74
C GLN C 28 -16.30 -2.65 -24.72
N PHE C 29 -16.36 -3.07 -23.46
CA PHE C 29 -15.52 -2.44 -22.44
C PHE C 29 -14.04 -2.68 -22.71
N THR C 30 -13.68 -3.91 -23.12
CA THR C 30 -12.29 -4.21 -23.43
C THR C 30 -11.79 -3.36 -24.59
N LEU C 31 -12.61 -3.21 -25.63
CA LEU C 31 -12.23 -2.39 -26.77
C LEU C 31 -12.21 -0.90 -26.40
N LEU C 32 -13.06 -0.48 -25.47
CA LEU C 32 -12.97 0.89 -24.97
C LEU C 32 -11.64 1.12 -24.27
N THR C 33 -11.21 0.17 -23.45
CA THR C 33 -9.92 0.29 -22.77
C THR C 33 -8.77 0.33 -23.78
N HIS C 34 -8.80 -0.55 -24.78
CA HIS C 34 -7.75 -0.55 -25.78
C HIS C 34 -7.75 0.74 -26.59
N LEU C 35 -8.93 1.24 -26.96
CA LEU C 35 -9.01 2.49 -27.70
C LEU C 35 -8.47 3.65 -26.88
N LEU C 36 -8.79 3.67 -25.58
CA LEU C 36 -8.22 4.70 -24.70
C LEU C 36 -6.71 4.59 -24.64
N LEU C 37 -6.18 3.37 -24.56
CA LEU C 37 -4.73 3.19 -24.56
C LEU C 37 -4.10 3.63 -25.88
N GLN C 38 -4.84 3.58 -26.98
CA GLN C 38 -4.34 4.03 -28.27
C GLN C 38 -4.81 5.42 -28.65
N ALA C 39 -5.70 6.03 -27.88
CA ALA C 39 -6.28 7.31 -28.27
C ALA C 39 -5.25 8.43 -28.14
N PRO C 40 -5.31 9.43 -29.02
CA PRO C 40 -4.46 10.61 -28.86
C PRO C 40 -4.95 11.47 -27.71
N GLU C 41 -4.08 12.37 -27.27
CA GLU C 41 -4.41 13.26 -26.17
C GLU C 41 -5.51 14.23 -26.58
N GLY C 42 -6.36 14.58 -25.61
CA GLY C 42 -7.46 15.48 -25.87
C GLY C 42 -8.70 14.85 -26.47
N SER C 43 -8.90 13.54 -26.27
CA SER C 43 -10.02 12.84 -26.86
C SER C 43 -10.94 12.28 -25.77
N LEU C 44 -12.17 11.95 -26.18
CA LEU C 44 -13.20 11.39 -25.31
C LEU C 44 -13.65 10.06 -25.90
N CYS C 45 -13.49 8.98 -25.15
CA CYS C 45 -13.84 7.65 -25.61
C CYS C 45 -15.16 7.24 -24.94
N SER C 46 -16.21 7.12 -25.74
CA SER C 46 -17.56 6.89 -25.26
C SER C 46 -18.01 5.47 -25.57
N LEU C 47 -18.93 4.95 -24.75
CA LEU C 47 -19.45 3.60 -24.90
C LEU C 47 -20.98 3.67 -25.02
N GLU C 48 -21.51 3.14 -26.12
CA GLU C 48 -22.92 3.27 -26.47
C GLU C 48 -23.43 4.70 -26.33
N VAL C 49 -22.69 5.66 -26.86
CA VAL C 49 -23.18 7.02 -26.99
C VAL C 49 -23.42 7.31 -28.47
N LEU C 50 -22.35 7.21 -29.27
CA LEU C 50 -22.51 7.39 -30.70
C LEU C 50 -22.57 6.05 -31.43
N ASP C 51 -21.88 5.05 -30.89
CA ASP C 51 -21.96 3.68 -31.38
C ASP C 51 -21.54 2.78 -30.23
N ASP C 52 -21.37 1.48 -30.52
CA ASP C 52 -21.02 0.54 -29.46
C ASP C 52 -19.76 0.98 -28.72
N VAL C 53 -18.74 1.39 -29.46
CA VAL C 53 -17.61 2.13 -28.91
C VAL C 53 -17.35 3.30 -29.84
N ALA C 54 -16.88 4.42 -29.31
CA ALA C 54 -16.63 5.58 -30.13
C ALA C 54 -15.50 6.40 -29.51
N GLN C 55 -14.87 7.21 -30.34
CA GLN C 55 -13.78 8.08 -29.90
C GLN C 55 -13.89 9.41 -30.63
N GLU C 56 -14.11 10.48 -29.89
CA GLU C 56 -14.17 11.82 -30.45
C GLU C 56 -12.93 12.59 -30.01
N ASN C 57 -12.05 12.87 -30.96
CA ASN C 57 -10.77 13.51 -30.67
C ASN C 57 -10.92 15.03 -30.68
N ASN C 58 -9.79 15.72 -30.51
CA ASN C 58 -9.82 17.18 -30.41
C ASN C 58 -10.28 17.83 -31.70
N SER C 59 -9.81 17.32 -32.85
CA SER C 59 -10.14 17.92 -34.14
C SER C 59 -11.56 17.63 -34.59
N GLY C 60 -12.37 17.00 -33.74
CA GLY C 60 -13.75 16.71 -34.07
C GLY C 60 -13.98 15.41 -34.80
N ASP C 61 -12.93 14.68 -35.16
CA ASP C 61 -13.09 13.40 -35.83
C ASP C 61 -13.75 12.41 -34.89
N ILE C 62 -14.72 11.66 -35.40
CA ILE C 62 -15.46 10.68 -34.63
C ILE C 62 -15.16 9.31 -35.21
N LYS C 63 -14.77 8.38 -34.36
CA LYS C 63 -14.42 7.02 -34.77
C LYS C 63 -15.41 6.06 -34.10
N PHE C 64 -16.29 5.45 -34.91
CA PHE C 64 -17.26 4.50 -34.42
C PHE C 64 -16.67 3.09 -34.41
N ILE C 65 -17.33 2.18 -33.71
CA ILE C 65 -16.91 0.79 -33.64
C ILE C 65 -18.15 -0.07 -33.46
N GLN C 66 -18.18 -1.22 -34.13
CA GLN C 66 -19.22 -2.22 -33.94
C GLN C 66 -18.52 -3.52 -33.54
N SER C 67 -18.27 -3.66 -32.24
CA SER C 67 -17.63 -4.87 -31.74
C SER C 67 -18.50 -6.08 -31.99
N ALA C 68 -17.89 -7.14 -32.49
CA ALA C 68 -18.60 -8.39 -32.82
C ALA C 68 -17.76 -9.55 -32.29
N SER C 69 -18.10 -10.01 -31.09
CA SER C 69 -17.42 -11.14 -30.48
C SER C 69 -17.81 -12.42 -31.19
N ALA C 70 -16.94 -12.91 -32.07
CA ALA C 70 -17.19 -14.13 -32.82
C ALA C 70 -16.43 -15.27 -32.17
N LEU C 71 -17.17 -16.27 -31.69
CA LEU C 71 -16.54 -17.50 -31.22
C LEU C 71 -16.77 -18.64 -32.20
N THR C 72 -18.01 -18.80 -32.68
CA THR C 72 -18.36 -19.85 -33.61
C THR C 72 -18.75 -19.31 -34.98
N ALA C 73 -19.75 -18.44 -35.04
CA ALA C 73 -20.24 -17.95 -36.32
C ALA C 73 -19.30 -16.87 -36.88
N ASN C 74 -19.47 -16.57 -38.16
CA ASN C 74 -18.68 -15.55 -38.82
C ASN C 74 -19.55 -14.33 -39.08
N PRO C 75 -19.35 -13.23 -38.37
CA PRO C 75 -20.15 -12.02 -38.64
C PRO C 75 -19.65 -11.20 -39.82
N ALA C 76 -18.54 -11.59 -40.44
CA ALA C 76 -18.00 -10.89 -41.60
C ALA C 76 -18.27 -11.63 -42.90
N ALA C 77 -19.10 -12.65 -42.87
CA ALA C 77 -19.38 -13.42 -44.08
C ALA C 77 -20.11 -12.57 -45.10
N ASP C 78 -20.13 -13.06 -46.35
CA ASP C 78 -20.78 -12.31 -47.42
C ASP C 78 -22.27 -12.13 -47.16
N ARG C 79 -22.93 -13.18 -46.69
CA ARG C 79 -24.35 -13.14 -46.36
C ARG C 79 -24.59 -13.15 -44.85
N ALA C 80 -23.63 -12.66 -44.09
CA ALA C 80 -23.79 -12.59 -42.64
C ALA C 80 -24.77 -11.50 -42.26
N LYS C 81 -25.65 -11.82 -41.30
CA LYS C 81 -26.62 -10.83 -40.84
C LYS C 81 -25.94 -9.64 -40.19
N SER C 82 -24.93 -9.89 -39.36
CA SER C 82 -24.31 -8.83 -38.58
C SER C 82 -23.60 -7.80 -39.46
N LEU C 83 -22.87 -8.25 -40.47
CA LEU C 83 -22.16 -7.31 -41.34
C LEU C 83 -23.13 -6.39 -42.05
N TRP C 84 -24.20 -6.94 -42.63
CA TRP C 84 -25.11 -6.11 -43.39
C TRP C 84 -25.97 -5.25 -42.49
N LYS C 85 -26.33 -5.74 -41.31
CA LYS C 85 -27.03 -4.89 -40.36
C LYS C 85 -26.15 -3.72 -39.95
N THR C 86 -24.87 -3.98 -39.71
CA THR C 86 -23.95 -2.91 -39.33
C THR C 86 -23.81 -1.89 -40.45
N LEU C 87 -23.67 -2.34 -41.69
CA LEU C 87 -23.56 -1.41 -42.81
C LEU C 87 -24.84 -0.61 -43.01
N SER C 88 -26.00 -1.23 -42.85
CA SER C 88 -27.26 -0.50 -42.94
C SER C 88 -27.37 0.53 -41.82
N ASN C 89 -26.98 0.18 -40.60
CA ASN C 89 -27.01 1.13 -39.50
C ASN C 89 -26.09 2.31 -39.77
N TRP C 90 -24.90 2.04 -40.29
CA TRP C 90 -23.97 3.13 -40.58
C TRP C 90 -24.46 4.00 -41.74
N ILE C 91 -25.13 3.41 -42.73
CA ILE C 91 -25.67 4.24 -43.80
C ILE C 91 -26.83 5.08 -43.29
N ASP C 92 -27.63 4.54 -42.35
CA ASP C 92 -28.67 5.35 -41.72
C ASP C 92 -28.06 6.50 -40.93
N LEU C 93 -26.97 6.23 -40.21
CA LEU C 93 -26.30 7.28 -39.45
C LEU C 93 -25.71 8.35 -40.38
N ALA C 94 -25.14 7.93 -41.51
CA ALA C 94 -24.61 8.88 -42.47
C ALA C 94 -25.73 9.71 -43.10
N THR C 95 -26.91 9.12 -43.25
CA THR C 95 -28.05 9.86 -43.78
C THR C 95 -28.46 11.03 -42.87
N SER C 96 -28.16 10.94 -41.58
CA SER C 96 -28.62 11.95 -40.64
C SER C 96 -28.06 13.33 -41.01
N PRO C 97 -28.81 14.41 -40.78
CA PRO C 97 -28.36 15.73 -41.21
C PRO C 97 -27.20 16.23 -40.36
N ASP C 98 -26.49 17.21 -40.91
CA ASP C 98 -25.36 17.87 -40.25
C ASP C 98 -24.24 16.90 -39.90
N PHE C 99 -24.11 15.81 -40.67
CA PHE C 99 -23.14 14.78 -40.38
C PHE C 99 -21.95 14.93 -41.31
N GLU C 100 -20.74 14.97 -40.73
CA GLU C 100 -19.51 15.03 -41.50
C GLU C 100 -19.00 13.61 -41.70
N VAL C 101 -19.35 13.01 -42.83
CA VAL C 101 -19.07 11.60 -43.07
C VAL C 101 -17.58 11.33 -43.28
N GLU C 102 -16.81 12.36 -43.64
CA GLU C 102 -15.37 12.16 -43.87
C GLU C 102 -14.67 11.69 -42.61
N LYS C 103 -15.00 12.28 -41.45
CA LYS C 103 -14.36 11.95 -40.19
C LYS C 103 -14.85 10.64 -39.60
N ALA C 104 -16.03 10.17 -39.99
CA ALA C 104 -16.67 9.01 -39.36
C ALA C 104 -15.97 7.73 -39.79
N ILE C 105 -14.79 7.52 -39.22
CA ILE C 105 -14.05 6.28 -39.47
C ILE C 105 -14.74 5.15 -38.70
N PHE C 106 -15.42 4.28 -39.43
CA PHE C 106 -16.13 3.15 -38.85
C PHE C 106 -15.16 1.99 -38.60
N GLU C 107 -15.66 0.95 -37.96
CA GLU C 107 -14.88 -0.27 -37.75
C GLU C 107 -15.81 -1.40 -37.35
N LEU C 108 -15.50 -2.59 -37.85
CA LEU C 108 -16.20 -3.81 -37.48
C LEU C 108 -15.19 -4.75 -36.84
N TYR C 109 -14.99 -4.58 -35.53
CA TYR C 109 -14.04 -5.43 -34.83
C TYR C 109 -14.60 -6.85 -34.72
N VAL C 110 -13.74 -7.84 -34.94
CA VAL C 110 -14.11 -9.24 -34.80
C VAL C 110 -13.08 -9.92 -33.91
N SER C 111 -13.55 -10.71 -32.95
CA SER C 111 -12.66 -11.31 -31.97
C SER C 111 -11.81 -12.43 -32.55
N ARG C 112 -12.04 -12.83 -33.80
CA ARG C 112 -11.22 -13.86 -34.42
C ARG C 112 -10.85 -13.45 -35.84
N PRO C 113 -9.75 -13.97 -36.39
CA PRO C 113 -9.40 -13.65 -37.78
C PRO C 113 -10.40 -14.23 -38.76
N VAL C 114 -11.16 -13.37 -39.43
CA VAL C 114 -12.25 -13.79 -40.29
C VAL C 114 -11.90 -13.45 -41.74
N GLU C 115 -12.60 -14.09 -42.67
CA GLU C 115 -12.37 -13.91 -44.09
C GLU C 115 -13.69 -13.78 -44.84
N GLY C 116 -13.62 -13.23 -46.03
CA GLY C 116 -14.76 -13.05 -46.91
C GLY C 116 -14.43 -12.11 -48.03
N SER C 117 -14.89 -12.42 -49.26
CA SER C 117 -14.50 -11.61 -50.41
C SER C 117 -15.07 -10.19 -50.31
N ILE C 118 -16.37 -10.08 -50.01
CA ILE C 118 -17.00 -8.77 -49.93
C ILE C 118 -16.38 -7.94 -48.82
N VAL C 119 -16.22 -8.53 -47.64
CA VAL C 119 -15.72 -7.78 -46.49
C VAL C 119 -14.25 -7.40 -46.70
N LYS C 120 -13.46 -8.31 -47.30
CA LYS C 120 -12.06 -7.99 -47.57
C LYS C 120 -11.95 -6.86 -48.58
N LYS C 121 -12.76 -6.89 -49.64
CA LYS C 121 -12.70 -5.82 -50.62
C LYS C 121 -13.17 -4.51 -50.02
N PHE C 122 -14.16 -4.56 -49.12
CA PHE C 122 -14.58 -3.36 -48.40
C PHE C 122 -13.44 -2.82 -47.54
N ASN C 123 -12.74 -3.71 -46.84
CA ASN C 123 -11.66 -3.30 -45.95
C ASN C 123 -10.52 -2.66 -46.72
N GLU C 124 -10.16 -3.23 -47.88
CA GLU C 124 -9.00 -2.77 -48.62
C GLU C 124 -9.30 -1.72 -49.66
N ALA C 125 -10.54 -1.23 -49.74
CA ALA C 125 -10.93 -0.26 -50.78
C ALA C 125 -10.72 1.15 -50.27
N LYS C 126 -9.45 1.56 -50.25
CA LYS C 126 -9.13 2.94 -49.87
C LYS C 126 -9.60 3.92 -50.94
N THR C 127 -9.28 3.62 -52.20
CA THR C 127 -9.64 4.51 -53.30
C THR C 127 -11.14 4.41 -53.58
N PRO C 128 -11.80 5.54 -53.91
CA PRO C 128 -13.23 5.47 -54.24
C PRO C 128 -13.53 4.55 -55.41
N GLU C 129 -12.64 4.46 -56.39
CA GLU C 129 -12.85 3.49 -57.47
C GLU C 129 -12.74 2.05 -56.95
N ASP C 130 -11.84 1.83 -56.00
CA ASP C 130 -11.78 0.52 -55.36
C ASP C 130 -13.07 0.22 -54.61
N ALA C 131 -13.65 1.25 -53.98
CA ALA C 131 -14.95 1.08 -53.32
C ALA C 131 -16.05 0.78 -54.33
N GLN C 132 -16.00 1.42 -55.50
CA GLN C 132 -17.00 1.14 -56.53
C GLN C 132 -16.87 -0.30 -56.99
N GLU C 133 -15.64 -0.78 -57.18
CA GLU C 133 -15.43 -2.18 -57.54
C GLU C 133 -15.93 -3.12 -56.45
N ALA C 134 -15.67 -2.79 -55.18
CA ALA C 134 -16.08 -3.65 -54.08
C ALA C 134 -17.60 -3.75 -54.00
N ILE C 135 -18.27 -2.60 -54.10
CA ILE C 135 -19.73 -2.61 -54.02
C ILE C 135 -20.31 -3.33 -55.23
N THR C 136 -19.66 -3.20 -56.39
CA THR C 136 -20.11 -3.92 -57.57
C THR C 136 -19.98 -5.43 -57.39
N HIS C 137 -18.87 -5.87 -56.79
CA HIS C 137 -18.68 -7.28 -56.50
C HIS C 137 -19.76 -7.79 -55.54
N ALA C 138 -20.02 -7.03 -54.47
CA ALA C 138 -21.05 -7.44 -53.51
C ALA C 138 -22.41 -7.50 -54.17
N ARG C 139 -22.74 -6.50 -54.99
CA ARG C 139 -24.04 -6.47 -55.65
C ARG C 139 -24.17 -7.62 -56.64
N THR C 140 -23.09 -7.94 -57.36
CA THR C 140 -23.14 -9.07 -58.28
C THR C 140 -23.34 -10.39 -57.55
N GLU C 141 -22.67 -10.57 -56.41
CA GLU C 141 -22.78 -11.82 -55.68
C GLU C 141 -24.08 -11.96 -54.91
N LEU C 142 -24.72 -10.85 -54.51
CA LEU C 142 -25.93 -10.92 -53.71
C LEU C 142 -27.21 -10.70 -54.50
N TRP C 143 -27.14 -9.97 -55.61
CA TRP C 143 -28.31 -9.64 -56.41
C TRP C 143 -28.27 -10.20 -57.82
N GLY C 144 -27.08 -10.46 -58.37
CA GLY C 144 -26.95 -10.83 -59.76
C GLY C 144 -26.63 -9.64 -60.64
N ASP C 145 -26.47 -9.91 -61.92
CA ASP C 145 -26.11 -8.86 -62.87
C ASP C 145 -27.28 -7.92 -63.09
N SER C 146 -26.99 -6.62 -63.13
CA SER C 146 -28.01 -5.62 -63.38
C SER C 146 -28.53 -5.74 -64.80
N PRO C 147 -29.80 -5.40 -65.04
CA PRO C 147 -30.84 -4.99 -64.09
C PRO C 147 -31.83 -6.09 -63.76
N HIS C 148 -31.61 -7.30 -64.26
CA HIS C 148 -32.56 -8.39 -64.04
C HIS C 148 -32.65 -8.75 -62.56
N PHE C 149 -31.51 -8.80 -61.88
CA PHE C 149 -31.44 -9.14 -60.46
C PHE C 149 -32.14 -10.48 -60.18
N THR C 150 -31.69 -11.50 -60.91
CA THR C 150 -32.31 -12.82 -60.81
C THR C 150 -32.15 -13.45 -59.42
N LEU C 151 -31.11 -13.09 -58.69
CA LEU C 151 -30.85 -13.66 -57.38
C LEU C 151 -31.46 -12.85 -56.25
N LYS C 152 -32.17 -11.77 -56.56
CA LYS C 152 -32.71 -10.89 -55.53
C LYS C 152 -33.76 -11.60 -54.69
N ASP C 153 -34.62 -12.41 -55.32
CA ASP C 153 -35.70 -13.05 -54.59
C ASP C 153 -35.21 -14.09 -53.59
N GLY C 154 -34.01 -14.64 -53.79
CA GLY C 154 -33.52 -15.70 -52.95
C GLY C 154 -32.81 -15.30 -51.67
N ILE C 155 -32.54 -14.00 -51.48
CA ILE C 155 -31.80 -13.58 -50.30
C ILE C 155 -32.65 -13.76 -49.04
N SER C 156 -31.96 -13.87 -47.91
CA SER C 156 -32.63 -14.17 -46.65
C SER C 156 -33.58 -13.06 -46.23
N LYS C 157 -34.62 -13.45 -45.50
CA LYS C 157 -35.57 -12.46 -44.98
C LYS C 157 -34.88 -11.49 -44.03
N GLU C 158 -34.04 -12.02 -43.13
CA GLU C 158 -33.35 -11.16 -42.18
C GLU C 158 -32.40 -10.21 -42.89
N ILE C 159 -31.73 -10.69 -43.93
CA ILE C 159 -30.76 -9.86 -44.64
C ILE C 159 -31.40 -8.95 -45.67
N SER C 160 -32.68 -9.17 -45.98
CA SER C 160 -33.30 -8.49 -47.13
C SER C 160 -33.33 -6.98 -46.93
N LYS C 161 -33.85 -6.51 -45.79
CA LYS C 161 -34.02 -5.08 -45.58
C LYS C 161 -32.67 -4.36 -45.53
N TYR C 162 -31.69 -4.96 -44.84
CA TYR C 162 -30.38 -4.33 -44.75
C TYR C 162 -29.67 -4.30 -46.10
N VAL C 163 -29.79 -5.39 -46.87
CA VAL C 163 -29.26 -5.41 -48.23
C VAL C 163 -29.89 -4.30 -49.06
N GLU C 164 -31.22 -4.16 -48.97
CA GLU C 164 -31.92 -3.12 -49.71
C GLU C 164 -31.40 -1.75 -49.34
N LYS C 165 -31.32 -1.46 -48.04
CA LYS C 165 -30.92 -0.13 -47.59
C LYS C 165 -29.48 0.18 -48.00
N VAL C 166 -28.58 -0.80 -47.90
CA VAL C 166 -27.19 -0.55 -48.28
C VAL C 166 -27.07 -0.33 -49.77
N PHE C 167 -27.65 -1.22 -50.58
CA PHE C 167 -27.40 -1.17 -52.02
C PHE C 167 -28.15 -0.02 -52.70
N THR C 168 -29.34 0.33 -52.21
CA THR C 168 -30.14 1.37 -52.85
C THR C 168 -29.89 2.76 -52.29
N ALA C 169 -28.95 2.90 -51.36
CA ALA C 169 -28.66 4.21 -50.78
C ALA C 169 -27.91 5.07 -51.79
N ASP C 170 -27.54 6.28 -51.36
CA ASP C 170 -26.81 7.20 -52.22
C ASP C 170 -25.44 6.63 -52.53
N GLN C 171 -25.00 6.77 -53.79
CA GLN C 171 -23.75 6.16 -54.23
C GLN C 171 -22.55 6.79 -53.52
N ASN C 172 -22.51 8.12 -53.43
CA ASN C 172 -21.37 8.78 -52.84
C ASN C 172 -21.24 8.45 -51.35
N LEU C 173 -22.37 8.43 -50.63
CA LEU C 173 -22.33 8.13 -49.21
C LEU C 173 -21.80 6.72 -48.95
N LEU C 174 -22.29 5.74 -49.71
CA LEU C 174 -21.78 4.38 -49.56
C LEU C 174 -20.31 4.30 -49.94
N GLN C 175 -19.90 5.01 -51.00
CA GLN C 175 -18.51 4.98 -51.42
C GLN C 175 -17.60 5.48 -50.30
N ARG C 176 -17.94 6.63 -49.71
CA ARG C 176 -17.12 7.14 -48.62
C ARG C 176 -17.20 6.23 -47.39
N LEU C 177 -18.39 5.72 -47.06
CA LEU C 177 -18.52 4.85 -45.90
C LEU C 177 -17.62 3.63 -46.03
N ILE C 178 -17.59 3.02 -47.21
CA ILE C 178 -16.72 1.88 -47.46
C ILE C 178 -15.25 2.30 -47.50
N CYS C 179 -14.96 3.53 -47.95
CA CYS C 179 -13.58 4.02 -47.95
C CYS C 179 -13.03 4.07 -46.53
N ASN C 180 -13.79 4.63 -45.58
CA ASN C 180 -13.36 4.68 -44.20
C ASN C 180 -13.86 3.51 -43.36
N PHE C 181 -14.54 2.54 -43.97
CA PHE C 181 -14.84 1.30 -43.25
C PHE C 181 -13.58 0.47 -43.09
N GLN C 182 -13.49 -0.23 -41.97
CA GLN C 182 -12.33 -1.06 -41.67
C GLN C 182 -12.79 -2.39 -41.09
N LEU C 183 -11.84 -3.32 -40.96
CA LEU C 183 -12.09 -4.62 -40.37
C LEU C 183 -10.97 -4.94 -39.37
N THR C 184 -10.70 -3.98 -38.49
CA THR C 184 -9.73 -4.21 -37.44
C THR C 184 -10.11 -5.46 -36.65
N LEU C 185 -9.30 -6.50 -36.77
CA LEU C 185 -9.60 -7.80 -36.19
C LEU C 185 -8.40 -8.28 -35.38
N GLY C 186 -8.65 -8.66 -34.13
CA GLY C 186 -7.59 -9.10 -33.25
C GLY C 186 -7.48 -10.61 -33.21
N SER C 187 -6.52 -11.08 -32.42
CA SER C 187 -6.29 -12.51 -32.25
C SER C 187 -7.48 -13.14 -31.53
N GLY C 188 -7.41 -14.45 -31.31
CA GLY C 188 -8.53 -15.17 -30.73
C GLY C 188 -9.00 -14.61 -29.41
N SER C 189 -8.08 -14.05 -28.63
CA SER C 189 -8.43 -13.43 -27.35
C SER C 189 -8.11 -11.95 -27.39
N PRO C 190 -9.11 -11.06 -27.52
CA PRO C 190 -8.84 -9.63 -27.41
C PRO C 190 -8.26 -9.20 -26.08
N GLN C 191 -8.57 -9.89 -24.99
CA GLN C 191 -7.97 -9.56 -23.70
C GLN C 191 -6.46 -9.75 -23.73
N ALA C 192 -6.00 -10.85 -24.32
CA ALA C 192 -4.58 -11.09 -24.52
C ALA C 192 -4.00 -10.23 -25.62
N ASP C 193 -4.84 -9.71 -26.51
CA ASP C 193 -4.42 -8.75 -27.52
C ASP C 193 -4.36 -7.33 -26.96
N LEU C 194 -4.94 -7.10 -25.79
CA LEU C 194 -4.88 -5.83 -25.10
C LEU C 194 -3.70 -5.74 -24.13
N GLU C 195 -3.45 -6.83 -23.39
CA GLU C 195 -2.28 -6.88 -22.53
C GLU C 195 -0.99 -6.66 -23.32
N ALA C 196 -0.95 -7.11 -24.57
CA ALA C 196 0.21 -6.86 -25.42
C ALA C 196 0.38 -5.37 -25.69
N CYS C 197 -0.73 -4.64 -25.83
CA CYS C 197 -0.62 -3.20 -26.05
C CYS C 197 -0.01 -2.50 -24.83
N VAL C 198 -0.38 -2.94 -23.63
CA VAL C 198 0.22 -2.38 -22.43
C VAL C 198 1.69 -2.78 -22.35
N ARG C 199 2.01 -4.01 -22.76
CA ARG C 199 3.40 -4.45 -22.79
C ARG C 199 4.24 -3.56 -23.70
N SER C 200 3.69 -3.13 -24.84
CA SER C 200 4.41 -2.25 -25.75
C SER C 200 4.73 -0.91 -25.11
N HIS C 201 4.02 -0.52 -24.06
CA HIS C 201 4.35 0.70 -23.34
C HIS C 201 5.64 0.52 -22.55
N PRO C 202 6.35 1.61 -22.27
CA PRO C 202 7.57 1.49 -21.43
C PRO C 202 7.22 1.13 -20.00
N VAL C 203 6.87 -0.14 -19.80
CA VAL C 203 6.38 -0.65 -18.53
C VAL C 203 7.15 -1.93 -18.20
N SER C 204 7.46 -2.09 -16.93
CA SER C 204 8.17 -3.28 -16.46
C SER C 204 7.37 -4.53 -16.79
N PRO C 205 7.98 -5.55 -17.41
CA PRO C 205 7.22 -6.73 -17.80
C PRO C 205 6.54 -7.44 -16.65
N SER C 206 7.04 -7.28 -15.42
CA SER C 206 6.38 -7.91 -14.28
C SER C 206 5.07 -7.22 -13.94
N LYS C 207 4.97 -5.92 -14.21
CA LYS C 207 3.81 -5.12 -13.83
C LYS C 207 2.79 -4.93 -14.94
N VAL C 208 2.99 -5.54 -16.11
CA VAL C 208 2.02 -5.38 -17.18
C VAL C 208 0.70 -6.05 -16.82
N SER C 209 0.76 -7.24 -16.21
CA SER C 209 -0.43 -7.97 -15.82
C SER C 209 -1.17 -7.30 -14.67
N ASP C 210 -0.58 -6.30 -14.02
CA ASP C 210 -1.27 -5.51 -13.01
C ASP C 210 -1.81 -4.21 -13.57
N ILE C 211 -1.04 -3.52 -14.41
CA ILE C 211 -1.52 -2.30 -15.03
C ILE C 211 -2.71 -2.57 -15.93
N THR C 212 -2.66 -3.67 -16.68
CA THR C 212 -3.75 -3.98 -17.60
C THR C 212 -5.07 -4.18 -16.87
N ASN C 213 -5.07 -5.00 -15.81
CA ASN C 213 -6.28 -5.29 -15.07
C ASN C 213 -6.55 -4.31 -13.94
N TYR C 214 -5.75 -3.26 -13.83
CA TYR C 214 -6.23 -2.08 -13.13
C TYR C 214 -6.92 -1.12 -14.08
N LEU C 215 -6.38 -0.94 -15.29
CA LEU C 215 -6.98 -0.05 -16.27
C LEU C 215 -8.36 -0.54 -16.71
N CYS C 216 -8.49 -1.86 -16.96
CA CYS C 216 -9.79 -2.39 -17.34
C CYS C 216 -10.81 -2.22 -16.23
N GLY C 217 -10.41 -2.51 -14.98
CA GLY C 217 -11.32 -2.35 -13.86
C GLY C 217 -11.75 -0.91 -13.66
N LYS C 218 -10.80 0.02 -13.74
CA LYS C 218 -11.16 1.42 -13.56
C LYS C 218 -12.07 1.90 -14.67
N VAL C 219 -11.80 1.49 -15.92
CA VAL C 219 -12.66 1.90 -17.02
C VAL C 219 -14.07 1.37 -16.84
N LYS C 220 -14.20 0.08 -16.51
CA LYS C 220 -15.53 -0.48 -16.29
C LYS C 220 -16.23 0.22 -15.13
N ARG C 221 -15.51 0.50 -14.05
CA ARG C 221 -16.11 1.14 -12.89
C ARG C 221 -16.61 2.53 -13.23
N HIS C 222 -15.78 3.34 -13.89
CA HIS C 222 -16.18 4.69 -14.24
C HIS C 222 -17.37 4.67 -15.19
N ILE C 223 -17.35 3.78 -16.18
CA ILE C 223 -18.46 3.70 -17.12
C ILE C 223 -19.75 3.32 -16.39
N ASP C 224 -19.67 2.36 -15.47
CA ASP C 224 -20.86 1.97 -14.72
C ASP C 224 -21.40 3.13 -13.89
N MET C 225 -20.51 3.84 -13.18
CA MET C 225 -20.98 4.96 -12.38
C MET C 225 -21.52 6.11 -13.22
N LEU C 226 -21.07 6.25 -14.48
CA LEU C 226 -21.72 7.22 -15.36
C LEU C 226 -23.09 6.75 -15.82
N LEU C 227 -23.22 5.47 -16.18
CA LEU C 227 -24.47 5.01 -16.76
C LEU C 227 -25.56 4.71 -15.74
N GLU C 228 -25.22 4.54 -14.46
CA GLU C 228 -26.27 4.42 -13.46
C GLU C 228 -26.94 5.76 -13.19
N ALA C 229 -26.27 6.86 -13.52
CA ALA C 229 -26.84 8.19 -13.41
C ALA C 229 -27.46 8.67 -14.71
N GLU C 230 -27.69 7.76 -15.66
CA GLU C 230 -28.34 8.05 -16.94
C GLU C 230 -27.53 8.99 -17.82
N LYS C 231 -26.33 9.36 -17.38
CA LYS C 231 -25.47 10.23 -18.17
C LYS C 231 -24.78 9.43 -19.27
N PRO C 232 -24.39 10.08 -20.36
CA PRO C 232 -23.70 9.36 -21.44
C PRO C 232 -22.34 8.87 -20.97
N ALA C 233 -22.11 7.57 -21.11
CA ALA C 233 -20.84 6.96 -20.69
C ALA C 233 -19.74 7.44 -21.61
N VAL C 234 -18.80 8.21 -21.06
CA VAL C 234 -17.63 8.65 -21.82
C VAL C 234 -16.49 8.87 -20.84
N ILE C 235 -15.34 8.27 -21.13
CA ILE C 235 -14.13 8.49 -20.35
C ILE C 235 -13.21 9.40 -21.15
N ALA C 236 -12.80 10.50 -20.54
CA ALA C 236 -11.85 11.40 -21.18
C ALA C 236 -10.48 10.74 -21.25
N ARG C 237 -9.83 10.86 -22.41
CA ARG C 237 -8.49 10.29 -22.55
C ARG C 237 -7.53 10.95 -21.59
N ASP C 238 -7.70 12.26 -21.35
CA ASP C 238 -6.87 12.94 -20.36
C ASP C 238 -7.05 12.34 -18.98
N ASP C 239 -8.30 12.10 -18.57
CA ASP C 239 -8.55 11.45 -17.28
C ASP C 239 -7.96 10.05 -17.26
N PHE C 240 -8.11 9.30 -18.35
CA PHE C 240 -7.59 7.94 -18.38
C PHE C 240 -6.08 7.93 -18.21
N TYR C 241 -5.38 8.83 -18.89
CA TYR C 241 -3.92 8.84 -18.78
C TYR C 241 -3.47 9.41 -17.44
N THR C 242 -4.24 10.32 -16.85
CA THR C 242 -3.94 10.76 -15.49
C THR C 242 -4.00 9.59 -14.52
N TRP C 243 -5.08 8.80 -14.57
CA TRP C 243 -5.16 7.61 -13.74
C TRP C 243 -4.06 6.63 -14.06
N TYR C 244 -3.74 6.47 -15.34
CA TYR C 244 -2.70 5.55 -15.78
C TYR C 244 -1.36 5.90 -15.15
N LYS C 245 -0.94 7.16 -15.28
CA LYS C 245 0.33 7.58 -14.72
C LYS C 245 0.31 7.55 -13.19
N ALA C 246 -0.81 7.94 -12.58
CA ALA C 246 -0.89 7.92 -11.12
C ALA C 246 -0.74 6.50 -10.58
N TYR C 247 -1.31 5.53 -11.28
CA TYR C 247 -1.18 4.14 -10.84
C TYR C 247 0.21 3.60 -11.16
N VAL C 248 0.80 4.01 -12.28
CA VAL C 248 2.12 3.53 -12.64
C VAL C 248 3.15 3.99 -11.62
N GLN C 249 3.07 5.25 -11.19
CA GLN C 249 3.96 5.70 -10.12
C GLN C 249 3.77 4.88 -8.86
N LYS C 250 2.55 4.42 -8.59
CA LYS C 250 2.28 3.67 -7.37
C LYS C 250 2.87 2.26 -7.44
N ILE C 251 2.64 1.56 -8.54
CA ILE C 251 2.86 0.11 -8.55
C ILE C 251 4.20 -0.26 -9.14
N ASP C 252 4.76 0.59 -10.00
CA ASP C 252 6.01 0.26 -10.70
C ASP C 252 7.20 0.67 -9.82
N ARG C 253 7.53 -0.21 -8.88
CA ARG C 253 8.65 -0.02 -7.98
C ARG C 253 9.29 -1.36 -7.66
N GLN C 254 10.61 -1.41 -7.74
CA GLN C 254 11.39 -2.56 -7.30
C GLN C 254 12.25 -2.14 -6.12
N MET C 255 12.38 -3.05 -5.14
CA MET C 255 12.92 -2.69 -3.83
C MET C 255 14.35 -3.14 -3.61
N VAL C 256 14.64 -4.44 -3.77
CA VAL C 256 15.92 -5.01 -3.38
C VAL C 256 16.61 -5.59 -4.61
N LEU C 257 17.88 -5.25 -4.78
CA LEU C 257 18.71 -5.86 -5.81
C LEU C 257 19.38 -7.11 -5.26
N SER C 258 19.21 -8.22 -5.97
CA SER C 258 19.81 -9.49 -5.57
C SER C 258 21.05 -9.73 -6.42
N SER C 259 22.21 -9.80 -5.78
CA SER C 259 23.46 -10.03 -6.50
C SER C 259 23.53 -11.47 -6.98
N ARG C 260 23.90 -11.65 -8.25
CA ARG C 260 24.05 -12.97 -8.83
C ARG C 260 25.52 -13.33 -9.05
N ALA C 261 26.44 -12.63 -8.42
CA ALA C 261 27.85 -12.93 -8.54
C ALA C 261 28.24 -14.03 -7.55
N GLN C 262 29.31 -14.75 -7.88
CA GLN C 262 29.80 -15.85 -7.08
C GLN C 262 31.22 -15.56 -6.59
N ALA C 263 31.51 -16.03 -5.38
CA ALA C 263 32.83 -15.82 -4.81
C ALA C 263 33.87 -16.57 -5.63
N PRO C 264 34.93 -15.91 -6.08
CA PRO C 264 35.92 -16.60 -6.91
C PRO C 264 36.76 -17.59 -6.12
N VAL C 265 37.35 -18.53 -6.84
CA VAL C 265 38.26 -19.50 -6.21
C VAL C 265 39.55 -18.79 -5.81
N LYS C 266 40.30 -19.46 -4.93
CA LYS C 266 41.53 -18.86 -4.42
C LYS C 266 42.57 -18.70 -5.52
N GLU C 267 42.63 -19.65 -6.46
CA GLU C 267 43.63 -19.59 -7.52
C GLU C 267 43.41 -18.36 -8.41
N LYS C 268 42.16 -18.05 -8.73
CA LYS C 268 41.87 -16.88 -9.57
C LYS C 268 42.25 -15.57 -8.88
N ALA C 269 42.31 -15.56 -7.55
CA ALA C 269 42.59 -14.33 -6.82
C ALA C 269 43.98 -13.80 -7.13
N GLN C 270 44.99 -14.68 -7.18
CA GLN C 270 46.36 -14.21 -7.39
C GLN C 270 46.58 -13.67 -8.79
N GLU C 271 45.67 -13.96 -9.74
CA GLU C 271 45.82 -13.41 -11.08
C GLU C 271 45.69 -11.89 -11.08
N TYR C 272 44.94 -11.34 -10.12
CA TYR C 272 44.72 -9.91 -10.02
C TYR C 272 45.67 -9.23 -9.05
N LEU C 273 46.62 -9.97 -8.48
CA LEU C 273 47.57 -9.36 -7.56
C LEU C 273 48.36 -8.20 -8.17
N PRO C 274 48.86 -8.28 -9.40
CA PRO C 274 49.58 -7.11 -9.97
C PRO C 274 48.70 -5.92 -10.30
N ASP C 275 47.40 -5.96 -10.00
CA ASP C 275 46.53 -4.83 -10.28
C ASP C 275 46.86 -3.66 -9.36
N LYS C 276 46.48 -2.46 -9.80
CA LYS C 276 46.86 -1.25 -9.08
C LYS C 276 46.22 -1.19 -7.70
N PHE C 277 44.96 -1.61 -7.58
CA PHE C 277 44.28 -1.54 -6.29
C PHE C 277 44.91 -2.49 -5.28
N VAL C 278 45.40 -3.64 -5.73
CA VAL C 278 46.13 -4.53 -4.83
C VAL C 278 47.41 -3.86 -4.36
N GLN C 279 48.10 -3.15 -5.26
CA GLN C 279 49.29 -2.43 -4.88
C GLN C 279 48.97 -1.38 -3.82
N GLN C 280 47.86 -0.66 -4.00
CA GLN C 280 47.44 0.33 -3.01
C GLN C 280 47.14 -0.33 -1.68
N LEU C 281 46.47 -1.49 -1.70
CA LEU C 281 46.15 -2.18 -0.46
C LEU C 281 47.40 -2.64 0.28
N GLU C 282 48.37 -3.20 -0.45
CA GLU C 282 49.58 -3.67 0.21
C GLU C 282 50.55 -2.55 0.55
N ILE C 283 50.33 -1.35 -0.01
CA ILE C 283 51.13 -0.20 0.38
C ILE C 283 50.92 0.11 1.86
N ILE C 284 49.67 0.07 2.32
CA ILE C 284 49.35 0.32 3.71
C ILE C 284 49.36 -0.99 4.48
N GLY C 285 49.91 -2.03 3.87
CA GLY C 285 50.19 -3.27 4.58
C GLY C 285 49.00 -4.07 5.06
N LEU C 286 47.99 -4.23 4.23
CA LEU C 286 46.88 -5.12 4.59
C LEU C 286 47.36 -6.56 4.59
N PRO C 287 46.84 -7.39 5.50
CA PRO C 287 47.17 -8.83 5.47
C PRO C 287 46.64 -9.49 4.21
N TYR C 288 47.17 -10.68 3.94
CA TYR C 288 46.90 -11.36 2.67
C TYR C 288 45.43 -11.75 2.54
N GLU C 289 44.83 -12.23 3.64
CA GLU C 289 43.42 -12.66 3.58
C GLU C 289 42.49 -11.50 3.27
N GLU C 290 42.73 -10.33 3.87
CA GLU C 290 41.94 -9.15 3.54
C GLU C 290 42.11 -8.76 2.07
N ILE C 291 43.33 -8.90 1.54
CA ILE C 291 43.55 -8.62 0.13
C ILE C 291 42.73 -9.57 -0.74
N LEU C 292 42.72 -10.87 -0.39
CA LEU C 292 41.94 -11.83 -1.16
C LEU C 292 40.45 -11.51 -1.10
N GLY C 293 39.96 -11.13 0.08
CA GLY C 293 38.58 -10.69 0.18
C GLY C 293 38.31 -9.49 -0.70
N ALA C 294 39.27 -8.57 -0.79
CA ALA C 294 39.14 -7.43 -1.68
C ALA C 294 39.05 -7.85 -3.15
N ILE C 295 39.87 -8.83 -3.55
CA ILE C 295 39.78 -9.33 -4.93
C ILE C 295 38.39 -9.91 -5.18
N SER C 296 37.87 -10.68 -4.22
CA SER C 296 36.54 -11.25 -4.39
C SER C 296 35.49 -10.16 -4.53
N ASP C 297 35.56 -9.12 -3.69
CA ASP C 297 34.59 -8.03 -3.76
C ASP C 297 34.69 -7.30 -5.09
N TYR C 298 35.93 -7.07 -5.57
CA TYR C 298 36.12 -6.47 -6.89
C TYR C 298 35.41 -7.28 -7.96
N LEU C 299 35.64 -8.59 -7.97
CA LEU C 299 35.05 -9.42 -9.01
C LEU C 299 33.53 -9.42 -8.96
N MET C 300 32.96 -9.57 -7.76
CA MET C 300 31.51 -9.55 -7.64
C MET C 300 30.93 -8.20 -8.06
N ALA C 301 31.56 -7.10 -7.66
CA ALA C 301 31.04 -5.79 -8.02
C ALA C 301 31.11 -5.55 -9.52
N SER C 302 32.21 -5.94 -10.16
CA SER C 302 32.32 -5.76 -11.60
C SER C 302 31.27 -6.59 -12.34
N PHE C 303 31.10 -7.85 -11.92
CA PHE C 303 30.09 -8.68 -12.57
C PHE C 303 28.69 -8.13 -12.34
N ASP C 304 28.42 -7.63 -11.13
CA ASP C 304 27.12 -7.04 -10.83
C ASP C 304 26.87 -5.81 -11.70
N ARG C 305 27.87 -4.94 -11.83
CA ARG C 305 27.71 -3.77 -12.68
C ARG C 305 27.39 -4.17 -14.11
N THR C 306 28.20 -5.07 -14.68
CA THR C 306 27.97 -5.47 -16.07
C THR C 306 26.60 -6.12 -16.25
N ASP C 307 26.22 -7.02 -15.34
CA ASP C 307 24.96 -7.74 -15.48
C ASP C 307 23.77 -6.79 -15.32
N TRP C 308 23.81 -5.92 -14.31
CA TRP C 308 22.69 -5.01 -14.07
C TRP C 308 22.55 -4.01 -15.21
N ALA C 309 23.66 -3.56 -15.80
CA ALA C 309 23.57 -2.74 -16.99
C ALA C 309 23.02 -3.53 -18.17
N ALA C 310 23.39 -4.80 -18.28
CA ALA C 310 22.98 -5.59 -19.44
C ALA C 310 21.48 -5.88 -19.43
N ARG C 311 20.95 -6.34 -18.30
CA ARG C 311 19.55 -6.75 -18.25
C ARG C 311 18.63 -5.66 -17.75
N GLY C 312 19.09 -4.41 -17.72
CA GLY C 312 18.21 -3.29 -17.43
C GLY C 312 17.80 -3.13 -15.99
N GLU C 313 18.41 -3.86 -15.06
CA GLU C 313 18.09 -3.68 -13.65
C GLU C 313 18.48 -2.30 -13.18
N VAL C 314 19.63 -1.80 -13.61
CA VAL C 314 20.14 -0.49 -13.23
C VAL C 314 20.63 0.22 -14.48
N ASP C 315 20.16 1.46 -14.69
CA ASP C 315 20.60 2.24 -15.83
C ASP C 315 22.06 2.66 -15.68
N GLU C 316 22.72 2.91 -16.81
CA GLU C 316 24.11 3.35 -16.78
C GLU C 316 24.24 4.71 -16.12
N THR C 317 23.25 5.58 -16.30
CA THR C 317 23.26 6.87 -15.61
C THR C 317 23.21 6.69 -14.09
N SER C 318 22.48 5.67 -13.63
CA SER C 318 22.47 5.36 -12.20
C SER C 318 23.87 4.97 -11.73
N PHE C 319 24.59 4.18 -12.53
CA PHE C 319 25.96 3.84 -12.18
C PHE C 319 26.86 5.07 -12.16
N ASP C 320 26.65 6.00 -13.10
CA ASP C 320 27.42 7.24 -13.09
C ASP C 320 27.15 8.03 -11.82
N ASP C 321 25.89 8.14 -11.41
CA ASP C 321 25.55 8.84 -10.18
C ASP C 321 26.18 8.14 -8.98
N LEU C 322 26.15 6.81 -8.96
CA LEU C 322 26.77 6.06 -7.87
C LEU C 322 28.27 6.34 -7.81
N ASP C 323 28.95 6.32 -8.95
CA ASP C 323 30.39 6.57 -8.97
C ASP C 323 30.71 7.98 -8.49
N THR C 324 29.93 8.97 -8.94
CA THR C 324 30.16 10.33 -8.47
C THR C 324 29.94 10.44 -6.97
N ALA C 325 28.91 9.77 -6.45
CA ALA C 325 28.66 9.80 -5.01
C ALA C 325 29.80 9.17 -4.24
N LEU C 326 30.32 8.03 -4.72
CA LEU C 326 31.46 7.40 -4.03
C LEU C 326 32.68 8.29 -4.05
N GLN C 327 32.96 8.94 -5.19
CA GLN C 327 34.11 9.83 -5.24
C GLN C 327 33.94 11.01 -4.28
N ARG C 328 32.74 11.59 -4.24
CA ARG C 328 32.49 12.73 -3.36
C ARG C 328 32.65 12.33 -1.89
N THR C 329 32.08 11.18 -1.52
CA THR C 329 32.23 10.71 -0.14
C THR C 329 33.67 10.39 0.18
N TRP C 330 34.40 9.80 -0.77
CA TRP C 330 35.80 9.46 -0.51
C TRP C 330 36.64 10.70 -0.28
N LYS C 331 36.44 11.75 -1.08
CA LYS C 331 37.24 12.96 -0.87
C LYS C 331 36.86 13.66 0.42
N ASN C 332 35.54 13.76 0.70
CA ASN C 332 35.11 14.39 1.94
C ASN C 332 35.60 13.63 3.16
N LYS C 333 35.69 12.30 3.08
CA LYS C 333 36.20 11.51 4.19
C LYS C 333 37.72 11.59 4.29
N GLN C 334 38.42 11.62 3.16
CA GLN C 334 39.87 11.70 3.22
C GLN C 334 40.32 13.02 3.83
N ARG C 335 39.64 14.11 3.49
CA ARG C 335 40.06 15.41 4.00
C ARG C 335 39.93 15.48 5.52
N ILE C 336 38.83 14.96 6.07
CA ILE C 336 38.68 14.96 7.53
C ILE C 336 39.60 13.94 8.18
N CYS C 337 39.84 12.81 7.51
CA CYS C 337 40.75 11.80 8.03
C CYS C 337 42.16 12.34 8.17
N GLY C 338 42.59 13.15 7.20
CA GLY C 338 43.93 13.71 7.23
C GLY C 338 44.19 14.70 8.33
N LEU C 339 43.16 15.10 9.08
CA LEU C 339 43.33 16.05 10.16
C LEU C 339 42.89 15.54 11.52
N THR C 340 41.91 14.65 11.59
CA THR C 340 41.50 14.11 12.89
C THR C 340 42.47 13.08 13.44
N HIS C 341 43.14 12.32 12.59
CA HIS C 341 44.15 11.35 13.01
C HIS C 341 45.53 11.71 12.49
N SER C 342 45.87 13.00 12.42
CA SER C 342 47.16 13.40 11.86
C SER C 342 48.31 12.93 12.75
N GLU C 343 48.07 12.69 14.03
CA GLU C 343 49.13 12.29 14.94
C GLU C 343 49.39 10.79 14.87
N LYS C 344 49.55 10.26 13.66
CA LYS C 344 49.83 8.85 13.45
C LYS C 344 50.65 8.72 12.17
N SER C 345 51.12 7.50 11.92
CA SER C 345 51.85 7.21 10.70
C SER C 345 50.90 7.25 9.49
N GLU C 346 51.48 7.50 8.31
CA GLU C 346 50.68 7.56 7.09
C GLU C 346 50.03 6.22 6.78
N GLN C 347 50.66 5.11 7.16
CA GLN C 347 50.07 3.80 6.96
C GLN C 347 48.80 3.64 7.80
N ASP C 348 48.83 4.11 9.05
CA ASP C 348 47.65 4.07 9.90
C ASP C 348 46.52 4.92 9.31
N GLN C 349 46.86 6.10 8.80
CA GLN C 349 45.85 6.94 8.17
C GLN C 349 45.27 6.25 6.93
N GLY C 350 46.11 5.57 6.16
CA GLY C 350 45.60 4.84 5.01
C GLY C 350 44.65 3.73 5.41
N LYS C 351 45.00 2.98 6.45
CA LYS C 351 44.09 1.94 6.93
C LYS C 351 42.77 2.55 7.41
N LEU C 352 42.84 3.67 8.14
CA LEU C 352 41.63 4.33 8.59
C LEU C 352 40.75 4.76 7.42
N LEU C 353 41.34 5.43 6.44
CA LEU C 353 40.58 5.88 5.27
C LEU C 353 39.93 4.69 4.57
N TYR C 354 40.72 3.66 4.26
CA TYR C 354 40.19 2.53 3.50
C TYR C 354 39.08 1.83 4.27
N PHE C 355 39.26 1.64 5.58
CA PHE C 355 38.25 0.93 6.36
C PHE C 355 36.99 1.78 6.54
N GLU C 356 37.14 3.10 6.68
CA GLU C 356 35.97 3.95 6.84
C GLU C 356 35.13 3.99 5.57
N CYS C 357 35.78 4.06 4.40
CA CYS C 357 35.00 3.93 3.17
C CYS C 357 34.51 2.50 2.97
N MET C 358 35.18 1.52 3.58
CA MET C 358 34.69 0.14 3.52
C MET C 358 33.37 0.01 4.26
N GLN C 359 33.24 0.68 5.40
CA GLN C 359 32.00 0.64 6.18
C GLN C 359 30.87 1.44 5.54
N PHE C 360 31.20 2.42 4.70
CA PHE C 360 30.19 3.31 4.14
C PHE C 360 29.26 2.56 3.19
N ASN C 361 28.00 2.98 3.14
CA ASN C 361 27.00 2.44 2.23
C ASN C 361 26.19 3.59 1.64
N ILE C 362 25.58 3.32 0.49
CA ILE C 362 24.77 4.30 -0.22
C ILE C 362 23.86 3.53 -1.20
N PRO C 363 22.59 3.91 -1.34
CA PRO C 363 21.71 3.15 -2.23
C PRO C 363 21.90 3.55 -3.69
N LEU C 364 21.68 2.57 -4.56
CA LEU C 364 21.74 2.76 -6.01
C LEU C 364 20.33 2.78 -6.55
N GLN C 365 19.95 3.88 -7.21
CA GLN C 365 18.59 4.09 -7.68
C GLN C 365 17.62 3.93 -6.50
N ALA C 366 18.02 4.52 -5.37
CA ALA C 366 17.25 4.46 -4.13
C ALA C 366 16.99 3.02 -3.69
N MET C 367 17.94 2.12 -3.97
CA MET C 367 17.82 0.71 -3.64
C MET C 367 19.09 0.25 -2.93
N SER C 368 18.92 -0.57 -1.90
CA SER C 368 20.05 -1.00 -1.10
C SER C 368 20.93 -1.97 -1.89
N PRO C 369 22.21 -1.65 -2.11
CA PRO C 369 23.10 -2.57 -2.80
C PRO C 369 23.55 -3.69 -1.88
N PRO C 370 24.08 -4.79 -2.43
CA PRO C 370 24.59 -5.86 -1.58
C PRO C 370 25.80 -5.40 -0.77
N SER C 371 26.15 -6.20 0.23
CA SER C 371 27.20 -5.82 1.16
C SER C 371 28.57 -5.73 0.49
N HIS C 372 28.75 -6.34 -0.68
CA HIS C 372 30.03 -6.34 -1.36
C HIS C 372 30.08 -5.41 -2.56
N PHE C 373 28.94 -4.84 -2.97
CA PHE C 373 28.92 -4.03 -4.19
C PHE C 373 29.68 -2.71 -3.99
N ILE C 374 29.39 -2.00 -2.90
CA ILE C 374 30.09 -0.74 -2.64
C ILE C 374 31.58 -0.95 -2.40
N PRO C 375 32.03 -1.93 -1.60
CA PRO C 375 33.48 -2.16 -1.49
C PRO C 375 34.13 -2.47 -2.82
N GLY C 376 33.47 -3.25 -3.66
CA GLY C 376 34.03 -3.57 -4.97
C GLY C 376 34.09 -2.36 -5.88
N CYS C 377 33.08 -1.50 -5.84
CA CYS C 377 33.13 -0.28 -6.63
C CYS C 377 34.23 0.65 -6.12
N TYR C 378 34.45 0.69 -4.81
CA TYR C 378 35.56 1.47 -4.28
C TYR C 378 36.89 0.92 -4.76
N HIS C 379 37.01 -0.40 -4.82
CA HIS C 379 38.23 -1.00 -5.39
C HIS C 379 38.35 -0.70 -6.88
N ILE C 380 37.22 -0.63 -7.60
CA ILE C 380 37.26 -0.23 -9.00
C ILE C 380 37.82 1.18 -9.13
N LEU C 381 37.32 2.11 -8.31
CA LEU C 381 37.82 3.47 -8.34
C LEU C 381 39.29 3.54 -7.95
N ALA C 382 39.72 2.70 -7.01
CA ALA C 382 41.13 2.64 -6.65
C ALA C 382 41.98 2.13 -7.81
N ASP C 383 41.48 1.14 -8.55
CA ASP C 383 42.24 0.59 -9.67
C ASP C 383 42.49 1.67 -10.73
N SER C 384 41.46 2.44 -11.06
CA SER C 384 41.59 3.53 -12.01
C SER C 384 42.26 4.76 -11.39
N LEU C 385 42.80 4.64 -10.18
CA LEU C 385 43.47 5.73 -9.47
C LEU C 385 42.57 6.93 -9.24
N ALA C 386 41.26 6.75 -9.36
CA ALA C 386 40.32 7.81 -9.02
C ALA C 386 40.36 8.13 -7.53
N VAL C 387 40.47 7.10 -6.69
CA VAL C 387 40.57 7.27 -5.25
C VAL C 387 41.85 6.60 -4.77
N GLY C 388 42.07 6.65 -3.46
CA GLY C 388 43.25 6.05 -2.87
C GLY C 388 43.12 6.00 -1.37
N TRP C 389 43.78 5.02 -0.77
CA TRP C 389 43.74 4.84 0.68
C TRP C 389 44.95 5.46 1.37
N HIS C 390 46.15 5.18 0.88
CA HIS C 390 47.34 5.82 1.42
C HIS C 390 47.28 7.33 1.20
N PRO C 391 47.71 8.13 2.17
CA PRO C 391 47.71 9.60 1.96
C PRO C 391 48.56 10.02 0.78
N ASN C 392 49.64 9.30 0.51
CA ASN C 392 50.52 9.58 -0.62
C ASN C 392 50.48 8.39 -1.58
N TYR C 393 49.27 7.89 -1.87
CA TYR C 393 49.13 6.64 -2.60
C TYR C 393 49.75 6.72 -3.98
N THR C 394 49.61 7.87 -4.66
CA THR C 394 50.23 8.01 -5.98
C THR C 394 51.76 7.97 -5.87
N THR C 395 52.31 8.68 -4.88
CA THR C 395 53.76 8.67 -4.69
C THR C 395 54.26 7.28 -4.30
N GLN C 396 53.52 6.59 -3.44
CA GLN C 396 53.91 5.24 -3.05
C GLN C 396 53.85 4.30 -4.25
N LEU C 397 52.83 4.43 -5.10
CA LEU C 397 52.74 3.60 -6.30
C LEU C 397 53.93 3.88 -7.23
N LYS C 398 54.27 5.16 -7.41
CA LYS C 398 55.39 5.50 -8.28
C LYS C 398 56.70 4.93 -7.73
N ASN C 399 56.88 5.00 -6.42
CA ASN C 399 58.11 4.47 -5.81
C ASN C 399 58.16 2.95 -5.90
N LYS C 400 57.03 2.28 -5.69
CA LYS C 400 57.00 0.82 -5.69
C LYS C 400 57.08 0.24 -7.09
N LYS C 401 56.63 0.97 -8.11
CA LYS C 401 56.72 0.47 -9.48
C LYS C 401 58.16 0.37 -9.97
N VAL C 402 59.10 1.04 -9.30
CA VAL C 402 60.50 0.96 -9.67
C VAL C 402 61.22 -0.13 -8.90
N ALA C 403 60.90 -0.29 -7.62
CA ALA C 403 61.52 -1.31 -6.78
C ALA C 403 61.04 -2.70 -7.18
N LYS D 250 18.25 1.48 -21.62
CA LYS D 250 17.20 1.25 -22.59
C LYS D 250 15.93 0.76 -21.89
N ILE D 251 14.78 1.17 -22.42
CA ILE D 251 13.43 0.82 -21.94
C ILE D 251 13.35 0.90 -20.42
N ASP D 252 14.08 1.84 -19.82
CA ASP D 252 14.11 2.00 -18.39
C ASP D 252 12.97 2.91 -17.92
N ARG D 253 12.90 3.10 -16.60
CA ARG D 253 11.94 3.98 -15.97
C ARG D 253 12.65 4.78 -14.90
N GLN D 254 12.21 6.03 -14.71
CA GLN D 254 12.95 6.90 -13.81
C GLN D 254 12.19 7.27 -12.54
N MET D 255 11.07 7.98 -12.70
CA MET D 255 10.26 8.53 -11.59
C MET D 255 11.12 9.03 -10.43
N VAL D 256 12.28 9.62 -10.73
CA VAL D 256 13.22 10.12 -9.73
C VAL D 256 13.80 11.43 -10.26
N LEU D 257 14.34 12.24 -9.33
CA LEU D 257 14.89 13.55 -9.67
C LEU D 257 16.20 13.35 -10.43
N SER D 258 16.07 13.09 -11.73
CA SER D 258 17.21 13.02 -12.63
C SER D 258 17.40 14.40 -13.24
N SER D 259 18.11 15.27 -12.52
CA SER D 259 18.25 16.65 -12.95
C SER D 259 19.08 16.73 -14.22
N ARG D 260 18.55 17.44 -15.21
CA ARG D 260 19.21 17.65 -16.49
C ARG D 260 20.01 18.95 -16.40
N ALA D 261 21.33 18.84 -16.53
CA ALA D 261 22.22 19.99 -16.45
C ALA D 261 23.48 19.68 -17.22
N GLN D 262 24.26 20.73 -17.49
CA GLN D 262 25.47 20.63 -18.29
C GLN D 262 26.65 21.19 -17.50
N ALA D 263 27.82 21.12 -18.10
CA ALA D 263 29.01 21.68 -17.48
C ALA D 263 28.88 23.20 -17.38
N PRO D 264 29.15 23.77 -16.21
CA PRO D 264 28.99 25.23 -16.06
C PRO D 264 30.06 26.00 -16.81
N VAL D 265 29.74 27.27 -17.09
CA VAL D 265 30.68 28.14 -17.78
C VAL D 265 31.86 28.44 -16.86
N LYS D 266 33.07 28.42 -17.44
CA LYS D 266 34.28 28.61 -16.66
C LYS D 266 34.37 30.02 -16.07
N GLU D 267 33.95 31.02 -16.85
CA GLU D 267 34.09 32.41 -16.40
C GLU D 267 33.21 32.70 -15.20
N LYS D 268 32.07 32.01 -15.10
CA LYS D 268 31.18 32.23 -13.97
C LYS D 268 31.85 31.88 -12.65
N ALA D 269 32.89 31.04 -12.68
CA ALA D 269 33.62 30.73 -11.46
C ALA D 269 34.25 31.98 -10.87
N GLN D 270 34.86 32.82 -11.71
CA GLN D 270 35.39 34.09 -11.23
C GLN D 270 34.26 35.11 -11.05
N GLU D 271 33.19 34.99 -11.83
CA GLU D 271 32.08 35.94 -11.73
C GLU D 271 31.40 35.86 -10.37
N TYR D 272 31.21 34.66 -9.84
CA TYR D 272 30.56 34.46 -8.55
C TYR D 272 31.54 34.51 -7.38
N LEU D 273 32.81 34.85 -7.63
CA LEU D 273 33.76 34.97 -6.53
C LEU D 273 33.35 35.98 -5.47
N PRO D 274 32.88 37.19 -5.80
CA PRO D 274 32.47 38.12 -4.73
C PRO D 274 31.21 37.71 -3.99
N ASP D 275 30.61 36.56 -4.32
CA ASP D 275 29.38 36.16 -3.67
C ASP D 275 29.61 35.84 -2.21
N LYS D 276 28.57 36.06 -1.40
CA LYS D 276 28.72 36.04 0.05
C LYS D 276 29.15 34.67 0.55
N PHE D 277 28.61 33.59 -0.02
CA PHE D 277 28.99 32.26 0.41
C PHE D 277 30.47 32.00 0.19
N VAL D 278 31.09 32.63 -0.81
CA VAL D 278 32.52 32.45 -1.01
C VAL D 278 33.29 33.00 0.18
N GLN D 279 33.14 34.30 0.46
CA GLN D 279 33.88 34.87 1.59
C GLN D 279 33.36 34.33 2.92
N GLN D 280 32.29 33.53 2.91
CA GLN D 280 32.11 32.58 3.99
C GLN D 280 33.12 31.45 3.89
N LEU D 281 33.37 30.95 2.67
CA LEU D 281 34.24 29.74 2.53
C LEU D 281 35.70 30.02 2.90
N GLU D 282 36.43 30.74 2.05
CA GLU D 282 37.90 30.93 2.24
C GLU D 282 38.32 31.29 3.67
N ILE D 283 37.49 31.98 4.46
CA ILE D 283 37.97 32.43 5.76
C ILE D 283 38.28 31.28 6.72
N ILE D 284 38.01 30.04 6.33
CA ILE D 284 38.46 28.88 7.08
C ILE D 284 39.69 28.24 6.44
N GLY D 285 40.41 28.97 5.59
CA GLY D 285 41.58 28.46 4.93
C GLY D 285 41.31 27.47 3.82
N LEU D 286 40.11 27.51 3.23
CA LEU D 286 39.75 26.53 2.22
C LEU D 286 40.43 26.84 0.90
N PRO D 287 41.02 25.85 0.24
CA PRO D 287 41.78 26.10 -0.99
C PRO D 287 40.89 26.53 -2.15
N TYR D 288 41.53 27.14 -3.15
CA TYR D 288 40.79 27.79 -4.23
C TYR D 288 40.22 26.78 -5.23
N GLU D 289 40.86 25.62 -5.39
CA GLU D 289 40.39 24.67 -6.39
C GLU D 289 39.03 24.10 -6.01
N GLU D 290 38.88 23.62 -4.78
CA GLU D 290 37.55 23.17 -4.37
C GLU D 290 36.61 24.34 -4.12
N ILE D 291 37.14 25.56 -3.96
CA ILE D 291 36.28 26.75 -4.02
C ILE D 291 35.61 26.84 -5.38
N LEU D 292 36.40 26.67 -6.45
CA LEU D 292 35.83 26.68 -7.80
C LEU D 292 34.88 25.50 -7.99
N GLY D 293 35.23 24.34 -7.44
CA GLY D 293 34.32 23.20 -7.53
C GLY D 293 32.99 23.46 -6.87
N ALA D 294 33.00 24.05 -5.67
CA ALA D 294 31.76 24.39 -4.97
C ALA D 294 31.01 25.50 -5.71
N ILE D 295 31.74 26.40 -6.37
CA ILE D 295 31.10 27.42 -7.18
C ILE D 295 30.32 26.78 -8.32
N SER D 296 30.96 25.83 -9.01
CA SER D 296 30.27 25.09 -10.07
C SER D 296 29.07 24.34 -9.52
N ASP D 297 29.22 23.75 -8.34
CA ASP D 297 28.11 23.04 -7.71
C ASP D 297 26.95 23.99 -7.45
N TYR D 298 27.25 25.19 -6.96
CA TYR D 298 26.25 26.25 -6.91
C TYR D 298 25.56 26.46 -8.24
N LEU D 299 26.34 26.57 -9.31
CA LEU D 299 25.75 26.88 -10.62
C LEU D 299 24.78 25.78 -11.05
N MET D 300 25.22 24.52 -11.05
CA MET D 300 24.31 23.48 -11.50
C MET D 300 23.15 23.27 -10.52
N ALA D 301 23.39 23.44 -9.22
CA ALA D 301 22.32 23.27 -8.26
C ALA D 301 21.23 24.32 -8.46
N SER D 302 21.63 25.57 -8.68
CA SER D 302 20.65 26.62 -8.94
C SER D 302 19.91 26.37 -10.24
N PHE D 303 20.63 25.93 -11.28
CA PHE D 303 19.96 25.62 -12.54
C PHE D 303 18.94 24.51 -12.38
N ASP D 304 19.29 23.46 -11.63
CA ASP D 304 18.37 22.36 -11.39
C ASP D 304 17.19 22.80 -10.54
N ARG D 305 17.41 23.67 -9.55
CA ARG D 305 16.31 24.20 -8.76
C ARG D 305 15.33 24.95 -9.64
N THR D 306 15.84 25.80 -10.52
CA THR D 306 14.97 26.52 -11.45
C THR D 306 14.26 25.55 -12.39
N ASP D 307 14.95 24.50 -12.83
CA ASP D 307 14.34 23.51 -13.71
C ASP D 307 13.17 22.80 -13.04
N TRP D 308 13.36 22.40 -11.78
CA TRP D 308 12.27 21.75 -11.05
C TRP D 308 11.14 22.72 -10.74
N ALA D 309 11.45 23.99 -10.47
CA ALA D 309 10.41 24.95 -10.18
C ALA D 309 9.59 25.27 -11.43
N ALA D 310 10.23 25.27 -12.60
CA ALA D 310 9.55 25.63 -13.85
C ALA D 310 8.76 24.45 -14.41
N ARG D 311 9.45 23.35 -14.75
CA ARG D 311 8.76 22.19 -15.31
C ARG D 311 7.77 21.60 -14.32
N GLY D 312 8.24 21.32 -13.10
CA GLY D 312 7.39 20.84 -12.03
C GLY D 312 7.53 19.36 -11.76
N GLU D 313 8.38 19.02 -10.80
CA GLU D 313 8.46 17.67 -10.24
C GLU D 313 8.59 17.65 -8.73
N VAL D 314 8.90 18.78 -8.09
CA VAL D 314 9.13 18.86 -6.64
C VAL D 314 8.13 19.86 -6.07
N ASP D 315 7.44 19.44 -5.00
CA ASP D 315 6.53 20.35 -4.32
C ASP D 315 7.31 21.43 -3.59
N GLU D 316 6.65 22.57 -3.37
CA GLU D 316 7.32 23.73 -2.77
C GLU D 316 7.77 23.44 -1.34
N THR D 317 6.92 22.76 -0.57
CA THR D 317 7.26 22.47 0.82
C THR D 317 8.46 21.53 0.95
N SER D 318 8.76 20.76 -0.10
CA SER D 318 9.91 19.86 -0.05
C SER D 318 11.21 20.63 0.11
N PHE D 319 11.41 21.69 -0.68
CA PHE D 319 12.61 22.50 -0.52
C PHE D 319 12.66 23.12 0.87
N ASP D 320 11.52 23.62 1.36
CA ASP D 320 11.49 24.32 2.64
C ASP D 320 11.89 23.39 3.78
N ASP D 321 11.24 22.22 3.89
CA ASP D 321 11.54 21.36 5.02
C ASP D 321 12.89 20.67 4.84
N LEU D 322 13.32 20.41 3.61
CA LEU D 322 14.66 19.90 3.38
C LEU D 322 15.71 20.87 3.89
N ASP D 323 15.56 22.16 3.55
CA ASP D 323 16.51 23.15 4.02
C ASP D 323 16.42 23.34 5.53
N THR D 324 15.22 23.24 6.11
CA THR D 324 15.10 23.33 7.56
C THR D 324 15.88 22.21 8.25
N ALA D 325 15.69 20.97 7.78
CA ALA D 325 16.44 19.85 8.35
C ALA D 325 17.93 20.02 8.13
N LEU D 326 18.33 20.50 6.96
CA LEU D 326 19.75 20.64 6.66
C LEU D 326 20.38 21.71 7.54
N GLN D 327 19.64 22.79 7.81
CA GLN D 327 20.12 23.83 8.73
C GLN D 327 20.23 23.32 10.15
N ARG D 328 19.25 22.51 10.59
CA ARG D 328 19.35 21.90 11.92
C ARG D 328 20.59 21.02 12.02
N THR D 329 20.84 20.21 10.99
CA THR D 329 22.05 19.39 10.97
C THR D 329 23.31 20.27 10.95
N TRP D 330 23.26 21.39 10.20
CA TRP D 330 24.40 22.30 10.18
C TRP D 330 24.74 22.73 11.60
N LYS D 331 23.72 23.19 12.32
CA LYS D 331 23.95 23.71 13.67
C LYS D 331 24.43 22.60 14.60
N ASN D 332 23.86 21.40 14.48
CA ASN D 332 24.27 20.29 15.33
C ASN D 332 25.75 19.97 15.13
N LYS D 333 26.17 19.78 13.87
CA LYS D 333 27.57 19.50 13.61
C LYS D 333 28.45 20.71 13.93
N GLN D 334 27.91 21.92 13.83
CA GLN D 334 28.65 23.12 14.22
C GLN D 334 29.04 23.04 15.68
N ARG D 335 28.06 22.77 16.53
CA ARG D 335 28.35 22.64 17.96
C ARG D 335 29.26 21.44 18.22
N ILE D 336 29.05 20.34 17.50
CA ILE D 336 29.87 19.14 17.69
C ILE D 336 31.34 19.46 17.45
N CYS D 337 31.63 20.09 16.30
CA CYS D 337 33.01 20.43 15.99
C CYS D 337 33.53 21.56 16.88
N GLY D 338 32.64 22.44 17.34
CA GLY D 338 33.07 23.50 18.23
C GLY D 338 33.54 22.97 19.57
N LEU D 339 32.93 21.90 20.05
CA LEU D 339 33.33 21.36 21.35
C LEU D 339 34.40 20.28 21.23
N THR D 340 34.14 19.24 20.43
CA THR D 340 35.07 18.10 20.40
C THR D 340 36.37 18.45 19.67
N HIS D 341 36.39 19.54 18.92
CA HIS D 341 37.59 19.97 18.21
C HIS D 341 38.06 21.36 18.66
N SER D 342 37.68 21.77 19.88
CA SER D 342 38.06 23.10 20.35
C SER D 342 39.54 23.20 20.65
N GLU D 343 40.22 22.06 20.85
CA GLU D 343 41.62 22.09 21.23
C GLU D 343 42.53 22.24 20.01
N LYS D 344 42.23 23.21 19.16
CA LYS D 344 43.06 23.55 18.01
C LYS D 344 42.51 24.84 17.40
N SER D 345 43.08 25.23 16.26
CA SER D 345 42.79 26.53 15.67
C SER D 345 41.34 26.62 15.20
N GLU D 346 40.81 27.84 15.23
CA GLU D 346 39.48 28.11 14.71
C GLU D 346 39.39 27.85 13.21
N GLN D 347 40.49 28.07 12.49
CA GLN D 347 40.54 27.77 11.06
C GLN D 347 40.30 26.29 10.79
N ASP D 348 41.03 25.42 11.49
CA ASP D 348 40.87 23.99 11.27
C ASP D 348 39.51 23.50 11.74
N GLN D 349 38.98 24.10 12.82
CA GLN D 349 37.61 23.79 13.22
C GLN D 349 36.63 24.09 12.10
N GLY D 350 36.77 25.26 11.47
CA GLY D 350 35.89 25.58 10.35
C GLY D 350 36.00 24.60 9.20
N LYS D 351 37.24 24.26 8.82
CA LYS D 351 37.40 23.37 7.66
C LYS D 351 36.90 21.97 7.96
N LEU D 352 37.15 21.46 9.17
CA LEU D 352 36.64 20.15 9.54
C LEU D 352 35.11 20.14 9.61
N LEU D 353 34.51 21.24 10.09
CA LEU D 353 33.06 21.34 10.06
C LEU D 353 32.54 21.28 8.63
N TYR D 354 33.19 22.01 7.72
CA TYR D 354 32.79 21.98 6.32
C TYR D 354 32.87 20.56 5.76
N PHE D 355 33.98 19.87 6.03
CA PHE D 355 34.16 18.52 5.52
C PHE D 355 33.11 17.56 6.07
N GLU D 356 32.93 17.57 7.40
CA GLU D 356 31.97 16.66 8.04
C GLU D 356 30.52 17.02 7.74
N CYS D 357 30.25 18.23 7.25
CA CYS D 357 28.88 18.58 6.87
C CYS D 357 28.61 18.22 5.41
N MET D 358 29.64 18.30 4.56
CA MET D 358 29.41 18.00 3.15
C MET D 358 29.08 16.52 2.89
N GLN D 359 29.43 15.62 3.81
CA GLN D 359 29.16 14.21 3.60
C GLN D 359 27.70 13.84 3.82
N PHE D 360 26.90 14.74 4.39
CA PHE D 360 25.52 14.43 4.73
C PHE D 360 24.69 14.25 3.47
N ASN D 361 23.77 13.29 3.51
CA ASN D 361 22.83 13.05 2.43
C ASN D 361 21.43 12.85 3.00
N ILE D 362 20.43 13.20 2.19
CA ILE D 362 19.03 13.11 2.61
C ILE D 362 18.15 13.07 1.37
N PRO D 363 17.17 12.17 1.30
CA PRO D 363 16.29 12.12 0.13
C PRO D 363 15.28 13.27 0.13
N LEU D 364 14.76 13.53 -1.08
CA LEU D 364 13.70 14.50 -1.29
C LEU D 364 12.47 13.75 -1.82
N GLN D 365 11.35 13.89 -1.11
CA GLN D 365 10.12 13.18 -1.46
C GLN D 365 10.38 11.69 -1.64
N ALA D 366 11.16 11.14 -0.70
CA ALA D 366 11.52 9.72 -0.66
C ALA D 366 12.32 9.27 -1.88
N MET D 367 12.96 10.20 -2.59
CA MET D 367 13.73 9.87 -3.78
C MET D 367 15.05 10.61 -3.74
N SER D 368 16.08 10.01 -4.34
CA SER D 368 17.46 10.45 -4.12
C SER D 368 17.86 11.55 -5.09
N PRO D 369 18.33 12.69 -4.61
CA PRO D 369 18.87 13.72 -5.50
C PRO D 369 20.29 13.40 -5.92
N PRO D 370 20.81 14.07 -6.95
CA PRO D 370 22.20 13.84 -7.35
C PRO D 370 23.18 14.28 -6.27
N SER D 371 24.42 13.80 -6.41
CA SER D 371 25.44 14.04 -5.39
C SER D 371 25.79 15.52 -5.24
N HIS D 372 25.63 16.31 -6.30
CA HIS D 372 26.00 17.72 -6.27
C HIS D 372 24.97 18.63 -5.63
N PHE D 373 23.77 18.11 -5.34
CA PHE D 373 22.68 18.96 -4.91
C PHE D 373 22.87 19.44 -3.47
N ILE D 374 23.33 18.55 -2.59
CA ILE D 374 23.45 18.87 -1.16
C ILE D 374 24.44 20.00 -0.94
N PRO D 375 25.65 19.98 -1.51
CA PRO D 375 26.52 21.16 -1.38
C PRO D 375 25.92 22.43 -1.94
N GLY D 376 25.13 22.31 -3.01
CA GLY D 376 24.50 23.50 -3.59
C GLY D 376 23.55 24.17 -2.63
N CYS D 377 22.63 23.40 -2.04
CA CYS D 377 21.72 23.98 -1.06
C CYS D 377 22.46 24.40 0.21
N TYR D 378 23.56 23.70 0.52
CA TYR D 378 24.38 24.06 1.67
C TYR D 378 24.94 25.47 1.51
N HIS D 379 25.53 25.74 0.35
CA HIS D 379 26.08 27.06 0.07
C HIS D 379 24.98 28.09 -0.17
N ILE D 380 23.80 27.65 -0.62
CA ILE D 380 22.66 28.56 -0.72
C ILE D 380 22.27 29.05 0.68
N LEU D 381 22.23 28.15 1.65
CA LEU D 381 22.01 28.56 3.03
C LEU D 381 23.14 29.45 3.52
N ALA D 382 24.38 29.13 3.15
CA ALA D 382 25.51 30.00 3.50
C ALA D 382 25.40 31.38 2.88
N ASP D 383 24.66 31.53 1.78
CA ASP D 383 24.53 32.82 1.11
C ASP D 383 23.77 33.82 1.98
N SER D 384 22.71 33.37 2.64
CA SER D 384 21.85 34.26 3.43
C SER D 384 22.06 34.11 4.93
N LEU D 385 23.30 33.80 5.35
CA LEU D 385 23.65 33.63 6.76
C LEU D 385 22.87 32.49 7.41
N ALA D 386 22.22 31.64 6.62
CA ALA D 386 21.44 30.56 7.20
C ALA D 386 22.33 29.50 7.83
N VAL D 387 23.51 29.25 7.25
CA VAL D 387 24.50 28.36 7.82
C VAL D 387 25.86 29.05 7.75
N GLY D 388 26.79 28.55 8.57
CA GLY D 388 28.14 29.08 8.61
C GLY D 388 29.16 28.03 8.97
N TRP D 389 30.34 28.08 8.33
CA TRP D 389 31.39 27.12 8.58
C TRP D 389 32.33 27.55 9.68
N HIS D 390 32.74 28.82 9.65
CA HIS D 390 33.59 29.37 10.69
C HIS D 390 32.81 29.51 11.99
N PRO D 391 33.41 29.19 13.14
CA PRO D 391 32.69 29.32 14.42
C PRO D 391 32.21 30.72 14.70
N ASN D 392 32.95 31.74 14.25
CA ASN D 392 32.55 33.13 14.40
C ASN D 392 32.49 33.78 13.02
N TYR D 393 31.82 33.11 12.08
CA TYR D 393 31.92 33.49 10.67
C TYR D 393 31.46 34.91 10.42
N THR D 394 30.40 35.36 11.11
CA THR D 394 29.86 36.69 10.87
C THR D 394 30.88 37.78 11.20
N THR D 395 31.61 37.62 12.30
CA THR D 395 32.59 38.63 12.70
C THR D 395 33.70 38.75 11.66
N GLN D 396 34.23 37.63 11.18
CA GLN D 396 35.27 37.68 10.17
C GLN D 396 34.74 38.20 8.83
N LEU D 397 33.48 37.88 8.51
CA LEU D 397 32.87 38.45 7.31
C LEU D 397 32.82 39.97 7.39
N LYS D 398 32.39 40.49 8.54
CA LYS D 398 32.34 41.94 8.73
C LYS D 398 33.74 42.54 8.68
N ASN D 399 34.72 41.86 9.26
CA ASN D 399 36.10 42.35 9.23
C ASN D 399 36.63 42.41 7.81
N LYS D 400 36.38 41.38 7.01
CA LYS D 400 36.89 41.34 5.64
C LYS D 400 36.13 42.28 4.72
N LYS D 401 34.87 42.57 5.01
CA LYS D 401 34.11 43.49 4.17
C LYS D 401 34.66 44.90 4.20
N VAL D 402 35.45 45.25 5.22
CA VAL D 402 36.05 46.57 5.32
C VAL D 402 37.43 46.60 4.69
N ALA D 403 38.22 45.54 4.89
CA ALA D 403 39.58 45.48 4.34
C ALA D 403 39.55 45.36 2.82
#